data_6BZD
#
_entry.id   6BZD
#
_cell.length_a   76.366
_cell.length_b   60.000
_cell.length_c   125.786
_cell.angle_alpha   90.000
_cell.angle_beta   90.500
_cell.angle_gamma   90.000
#
_symmetry.space_group_name_H-M   'P 1 21 1'
#
loop_
_entity.id
_entity.type
_entity.pdbx_description
1 polymer '14-3-3 protein gamma'
2 polymer 'GlcNAcylated peptide'
3 non-polymer 2-acetamido-2-deoxy-beta-D-glucopyranose
4 water water
#
loop_
_entity_poly.entity_id
_entity_poly.type
_entity_poly.pdbx_seq_one_letter_code
_entity_poly.pdbx_strand_id
1 'polypeptide(L)'
;VDREQLVQKARLAEQAERYDDMAAAMKNVTELNEPLSNEERNLLSVAYKNVVGARESSWRVISSIEQKTSADGNEKKIEM
VRAYREKIEKELEAVCQDVLSLLDNYLIKNCSETQYESKVFYLKMKGDYYRYLAEVATGEKRATVVESSEKAYSEAHEIS
KEHMQPTHPIRLGLALNYSVFYYEIQNAPEQACHLAKTAFDDAIAELDTLNEDSYKDSTLIMQLLRDNLTLWTSDQQDDD
GGEGNN
;
A,B,C,D
2 'polypeptide(L)' TSTTATPPVSQASSTTTSTW G,K
#
loop_
_chem_comp.id
_chem_comp.type
_chem_comp.name
_chem_comp.formula
NAG D-saccharide, beta linking 2-acetamido-2-deoxy-beta-D-glucopyranose 'C8 H15 N O6'
#
# COMPACT_ATOMS: atom_id res chain seq x y z
N VAL A 1 -28.17 -31.20 -0.87
CA VAL A 1 -27.19 -30.29 -1.44
C VAL A 1 -26.66 -30.81 -2.77
N ASP A 2 -26.95 -30.07 -3.84
CA ASP A 2 -26.57 -30.47 -5.19
C ASP A 2 -25.11 -30.14 -5.48
N ARG A 3 -24.59 -30.70 -6.58
CA ARG A 3 -23.24 -30.42 -7.00
C ARG A 3 -23.05 -28.94 -7.29
N GLU A 4 -24.03 -28.35 -7.97
CA GLU A 4 -23.99 -26.92 -8.29
C GLU A 4 -24.05 -26.06 -7.04
N GLN A 5 -24.73 -26.57 -6.01
CA GLN A 5 -24.80 -25.87 -4.73
C GLN A 5 -23.42 -25.82 -4.10
N LEU A 6 -22.67 -26.90 -4.26
CA LEU A 6 -21.33 -27.02 -3.69
C LEU A 6 -20.33 -26.10 -4.40
N VAL A 7 -20.35 -26.12 -5.72
CA VAL A 7 -19.47 -25.28 -6.52
C VAL A 7 -19.76 -23.81 -6.24
N GLN A 8 -21.04 -23.49 -6.07
CA GLN A 8 -21.46 -22.13 -5.75
C GLN A 8 -20.95 -21.74 -4.35
N LYS A 9 -21.10 -22.65 -3.40
CA LYS A 9 -20.60 -22.43 -2.05
C LYS A 9 -19.09 -22.17 -2.08
N ALA A 10 -18.40 -22.87 -2.97
CA ALA A 10 -16.97 -22.71 -3.16
C ALA A 10 -16.63 -21.33 -3.71
N ARG A 11 -17.49 -20.82 -4.59
CA ARG A 11 -17.29 -19.49 -5.15
C ARG A 11 -17.52 -18.41 -4.10
N LEU A 12 -18.52 -18.63 -3.24
CA LEU A 12 -18.81 -17.69 -2.16
C LEU A 12 -17.68 -17.66 -1.14
N ALA A 13 -17.20 -18.85 -0.78
CA ALA A 13 -16.11 -18.98 0.18
C ALA A 13 -14.87 -18.25 -0.30
N GLU A 14 -14.58 -18.35 -1.60
CA GLU A 14 -13.43 -17.68 -2.19
C GLU A 14 -13.54 -16.17 -2.05
N GLN A 15 -14.74 -15.66 -2.25
CA GLN A 15 -15.00 -14.22 -2.14
C GLN A 15 -14.93 -13.75 -0.68
N ALA A 16 -15.35 -14.61 0.24
CA ALA A 16 -15.22 -14.32 1.65
C ALA A 16 -13.81 -14.61 2.12
N GLU A 17 -13.01 -15.22 1.25
CA GLU A 17 -11.65 -15.59 1.57
C GLU A 17 -11.58 -16.63 2.70
N ARG A 18 -12.67 -17.40 2.84
CA ARG A 18 -12.69 -18.51 3.77
C ARG A 18 -12.33 -19.78 2.99
N TYR A 19 -11.03 -19.97 2.78
CA TYR A 19 -10.53 -21.01 1.89
C TYR A 19 -10.70 -22.42 2.43
N ASP A 20 -10.73 -22.56 3.74
CA ASP A 20 -11.01 -23.85 4.37
C ASP A 20 -12.35 -24.36 3.85
N ASP A 21 -13.35 -23.49 3.86
CA ASP A 21 -14.66 -23.82 3.31
C ASP A 21 -14.54 -24.15 1.84
N MET A 22 -13.73 -23.37 1.12
CA MET A 22 -13.58 -23.53 -0.31
C MET A 22 -13.07 -24.93 -0.67
N ALA A 23 -11.97 -25.33 -0.04
CA ALA A 23 -11.40 -26.66 -0.26
C ALA A 23 -12.41 -27.75 0.09
N ALA A 24 -12.96 -27.66 1.29
CA ALA A 24 -13.95 -28.63 1.75
C ALA A 24 -15.10 -28.78 0.76
N ALA A 25 -15.57 -27.66 0.21
CA ALA A 25 -16.64 -27.69 -0.79
C ALA A 25 -16.17 -28.35 -2.09
N MET A 26 -14.97 -27.99 -2.53
CA MET A 26 -14.42 -28.58 -3.75
C MET A 26 -14.01 -30.03 -3.54
N LYS A 27 -13.68 -30.38 -2.30
CA LYS A 27 -13.38 -31.77 -1.98
C LYS A 27 -14.64 -32.62 -2.10
N ASN A 28 -15.73 -32.13 -1.52
CA ASN A 28 -17.02 -32.80 -1.64
C ASN A 28 -17.46 -32.95 -3.09
N VAL A 29 -17.26 -31.90 -3.88
CA VAL A 29 -17.52 -31.96 -5.31
C VAL A 29 -16.71 -33.09 -5.94
N THR A 30 -15.40 -33.06 -5.70
CA THR A 30 -14.50 -34.08 -6.23
C THR A 30 -14.95 -35.48 -5.82
N GLU A 31 -15.46 -35.60 -4.59
CA GLU A 31 -15.86 -36.89 -4.06
C GLU A 31 -17.18 -37.39 -4.62
N LEU A 32 -17.83 -36.56 -5.44
CA LEU A 32 -19.04 -36.97 -6.15
C LEU A 32 -18.69 -38.00 -7.22
N ASN A 33 -17.39 -38.19 -7.44
CA ASN A 33 -16.88 -39.22 -8.34
C ASN A 33 -17.07 -38.89 -9.82
N GLU A 34 -17.46 -37.66 -10.12
CA GLU A 34 -17.59 -37.21 -11.50
C GLU A 34 -16.42 -36.34 -11.89
N PRO A 35 -16.08 -36.31 -13.19
CA PRO A 35 -14.98 -35.47 -13.67
C PRO A 35 -15.18 -34.01 -13.24
N LEU A 36 -14.09 -33.25 -13.26
CA LEU A 36 -14.14 -31.83 -12.90
C LEU A 36 -14.07 -30.97 -14.15
N SER A 37 -14.88 -29.91 -14.19
CA SER A 37 -14.83 -28.96 -15.29
C SER A 37 -13.60 -28.07 -15.13
N ASN A 38 -13.29 -27.29 -16.16
CA ASN A 38 -12.17 -26.36 -16.10
C ASN A 38 -12.25 -25.45 -14.88
N GLU A 39 -13.42 -24.84 -14.69
CA GLU A 39 -13.66 -23.96 -13.55
C GLU A 39 -13.51 -24.71 -12.24
N GLU A 40 -14.20 -25.84 -12.11
CA GLU A 40 -14.12 -26.66 -10.91
C GLU A 40 -12.68 -27.02 -10.59
N ARG A 41 -11.93 -27.36 -11.63
CA ARG A 41 -10.50 -27.64 -11.49
C ARG A 41 -9.79 -26.44 -10.88
N ASN A 42 -10.07 -25.26 -11.44
CA ASN A 42 -9.52 -24.01 -10.96
C ASN A 42 -9.85 -23.73 -9.50
N LEU A 43 -11.12 -23.87 -9.15
CA LEU A 43 -11.58 -23.65 -7.79
C LEU A 43 -10.87 -24.58 -6.81
N LEU A 44 -10.82 -25.86 -7.14
CA LEU A 44 -10.15 -26.85 -6.30
C LEU A 44 -8.70 -26.47 -6.05
N SER A 45 -8.01 -26.09 -7.12
CA SER A 45 -6.60 -25.73 -7.05
C SER A 45 -6.40 -24.47 -6.21
N VAL A 46 -7.18 -23.43 -6.54
CA VAL A 46 -7.10 -22.16 -5.80
C VAL A 46 -7.38 -22.36 -4.33
N ALA A 47 -8.44 -23.10 -4.02
CA ALA A 47 -8.82 -23.36 -2.64
C ALA A 47 -7.68 -23.97 -1.83
N TYR A 48 -7.14 -25.09 -2.32
CA TYR A 48 -6.11 -25.81 -1.60
C TYR A 48 -4.75 -25.11 -1.60
N LYS A 49 -4.49 -24.30 -2.63
CA LYS A 49 -3.26 -23.52 -2.67
C LYS A 49 -3.24 -22.44 -1.58
N ASN A 50 -4.41 -21.85 -1.34
CA ASN A 50 -4.52 -20.82 -0.31
C ASN A 50 -4.51 -21.39 1.12
N VAL A 51 -5.13 -22.55 1.29
CA VAL A 51 -5.09 -23.23 2.57
C VAL A 51 -3.65 -23.63 2.92
N VAL A 52 -3.01 -24.33 1.99
CA VAL A 52 -1.64 -24.76 2.20
C VAL A 52 -0.72 -23.55 2.34
N GLY A 53 -1.04 -22.47 1.64
CA GLY A 53 -0.26 -21.25 1.70
C GLY A 53 -0.37 -20.59 3.07
N ALA A 54 -1.60 -20.43 3.54
CA ALA A 54 -1.85 -19.85 4.86
C ALA A 54 -1.08 -20.58 5.95
N ARG A 55 -1.16 -21.90 5.96
CA ARG A 55 -0.43 -22.72 6.92
C ARG A 55 1.07 -22.48 6.77
N GLU A 56 1.53 -22.52 5.52
CA GLU A 56 2.93 -22.30 5.21
C GLU A 56 3.43 -20.99 5.82
N SER A 57 2.65 -19.93 5.63
CA SER A 57 3.02 -18.62 6.16
C SER A 57 3.18 -18.67 7.67
N SER A 58 2.17 -19.21 8.34
CA SER A 58 2.19 -19.32 9.79
C SER A 58 3.32 -20.25 10.24
N TRP A 59 3.55 -21.30 9.47
CA TRP A 59 4.62 -22.26 9.77
C TRP A 59 5.98 -21.57 9.73
N ARG A 60 6.19 -20.74 8.72
CA ARG A 60 7.45 -20.01 8.58
C ARG A 60 7.64 -19.00 9.71
N VAL A 61 6.55 -18.34 10.10
CA VAL A 61 6.60 -17.37 11.19
C VAL A 61 6.99 -18.03 12.51
N ILE A 62 6.32 -19.13 12.84
CA ILE A 62 6.61 -19.86 14.07
C ILE A 62 7.97 -20.55 14.02
N SER A 63 8.27 -21.18 12.89
CA SER A 63 9.57 -21.81 12.68
C SER A 63 10.68 -20.77 12.83
N SER A 64 10.38 -19.54 12.43
CA SER A 64 11.32 -18.43 12.57
C SER A 64 11.49 -18.04 14.03
N ILE A 65 10.40 -18.15 14.80
CA ILE A 65 10.44 -17.86 16.22
C ILE A 65 11.12 -18.98 16.99
N GLU A 66 11.00 -20.20 16.47
CA GLU A 66 11.65 -21.36 17.06
C GLU A 66 13.17 -21.26 16.91
N GLN A 67 13.62 -20.51 15.92
CA GLN A 67 15.04 -20.28 15.72
C GLN A 67 15.57 -19.26 16.72
N LYS A 68 14.81 -18.18 16.90
CA LYS A 68 15.20 -17.13 17.83
C LYS A 68 15.19 -17.66 19.26
N THR A 69 14.11 -18.35 19.63
CA THR A 69 13.92 -18.82 21.00
C THR A 69 15.01 -19.77 21.44
N SER A 70 15.50 -20.59 20.50
CA SER A 70 16.53 -21.57 20.80
C SER A 70 17.91 -20.89 20.87
N ALA A 71 18.15 -19.98 19.94
CA ALA A 71 19.40 -19.22 19.92
C ALA A 71 19.58 -18.43 21.20
N ASP A 72 18.48 -17.89 21.71
CA ASP A 72 18.49 -17.19 23.00
C ASP A 72 18.92 -18.13 24.12
N GLY A 73 18.35 -19.32 24.12
CA GLY A 73 18.72 -20.34 25.10
C GLY A 73 17.62 -20.72 26.06
N ASN A 74 16.49 -20.02 25.99
CA ASN A 74 15.36 -20.30 26.87
C ASN A 74 14.85 -21.72 26.66
N GLU A 75 14.43 -22.36 27.73
CA GLU A 75 14.01 -23.76 27.67
C GLU A 75 12.50 -23.95 27.71
N LYS A 76 11.84 -23.30 28.66
CA LYS A 76 10.39 -23.38 28.77
C LYS A 76 9.74 -22.96 27.46
N LYS A 77 10.32 -21.97 26.79
CA LYS A 77 9.79 -21.48 25.52
C LYS A 77 9.91 -22.51 24.40
N ILE A 78 11.12 -23.02 24.20
CA ILE A 78 11.38 -23.98 23.11
C ILE A 78 10.37 -25.12 23.10
N GLU A 79 9.90 -25.50 24.28
CA GLU A 79 8.90 -26.56 24.39
C GLU A 79 7.61 -26.21 23.66
N MET A 80 7.01 -25.09 24.04
CA MET A 80 5.73 -24.68 23.48
C MET A 80 5.84 -24.21 22.03
N VAL A 81 6.91 -23.49 21.71
CA VAL A 81 7.13 -23.03 20.35
C VAL A 81 7.25 -24.20 19.40
N ARG A 82 8.09 -25.17 19.76
CA ARG A 82 8.28 -26.37 18.95
C ARG A 82 6.96 -27.11 18.76
N ALA A 83 6.22 -27.29 19.86
CA ALA A 83 4.95 -28.02 19.82
C ALA A 83 3.92 -27.32 18.95
N TYR A 84 3.92 -25.99 18.96
CA TYR A 84 2.99 -25.22 18.15
C TYR A 84 3.36 -25.29 16.68
N ARG A 85 4.66 -25.23 16.38
CA ARG A 85 5.15 -25.35 15.01
C ARG A 85 4.77 -26.71 14.43
N GLU A 86 4.82 -27.73 15.28
CA GLU A 86 4.47 -29.09 14.88
C GLU A 86 2.97 -29.23 14.64
N LYS A 87 2.18 -28.48 15.41
CA LYS A 87 0.74 -28.42 15.20
C LYS A 87 0.43 -27.88 13.82
N ILE A 88 0.98 -26.71 13.51
CA ILE A 88 0.82 -26.09 12.20
C ILE A 88 1.37 -27.00 11.10
N GLU A 89 2.53 -27.58 11.36
CA GLU A 89 3.19 -28.47 10.42
C GLU A 89 2.31 -29.66 10.07
N LYS A 90 1.70 -30.25 11.10
CA LYS A 90 0.80 -31.39 10.92
C LYS A 90 -0.49 -31.01 10.19
N GLU A 91 -0.92 -29.77 10.35
CA GLU A 91 -2.05 -29.25 9.59
C GLU A 91 -1.69 -29.14 8.12
N LEU A 92 -0.53 -28.55 7.85
CA LEU A 92 -0.05 -28.37 6.48
C LEU A 92 0.07 -29.71 5.75
N GLU A 93 0.69 -30.68 6.43
CA GLU A 93 0.85 -32.03 5.87
C GLU A 93 -0.49 -32.68 5.59
N ALA A 94 -1.40 -32.59 6.56
CA ALA A 94 -2.74 -33.15 6.44
C ALA A 94 -3.51 -32.54 5.28
N VAL A 95 -3.29 -31.26 5.03
CA VAL A 95 -3.91 -30.59 3.89
C VAL A 95 -3.37 -31.15 2.58
N CYS A 96 -2.04 -31.14 2.41
CA CYS A 96 -1.41 -31.69 1.22
C CYS A 96 -1.86 -33.12 0.97
N GLN A 97 -1.78 -33.96 1.99
CA GLN A 97 -2.22 -35.34 1.88
C GLN A 97 -3.69 -35.42 1.47
N ASP A 98 -4.46 -34.42 1.88
CA ASP A 98 -5.88 -34.36 1.54
C ASP A 98 -6.05 -34.12 0.04
N VAL A 99 -5.25 -33.20 -0.49
CA VAL A 99 -5.26 -32.91 -1.92
C VAL A 99 -4.75 -34.11 -2.69
N LEU A 100 -3.62 -34.64 -2.25
CA LEU A 100 -2.96 -35.75 -2.91
C LEU A 100 -3.88 -36.97 -3.01
N SER A 101 -4.66 -37.21 -1.96
CA SER A 101 -5.61 -38.31 -1.95
C SER A 101 -6.66 -38.13 -3.05
N LEU A 102 -7.13 -36.89 -3.19
CA LEU A 102 -8.09 -36.56 -4.25
C LEU A 102 -7.48 -36.77 -5.63
N LEU A 103 -6.24 -36.34 -5.80
CA LEU A 103 -5.55 -36.47 -7.09
C LEU A 103 -5.32 -37.94 -7.43
N ASP A 104 -4.86 -38.71 -6.45
CA ASP A 104 -4.50 -40.10 -6.70
C ASP A 104 -5.70 -41.03 -6.88
N ASN A 105 -6.78 -40.76 -6.15
CA ASN A 105 -7.92 -41.67 -6.09
C ASN A 105 -9.14 -41.20 -6.89
N TYR A 106 -9.07 -40.00 -7.44
CA TYR A 106 -10.20 -39.43 -8.17
C TYR A 106 -9.78 -38.80 -9.50
N LEU A 107 -9.07 -37.68 -9.39
CA LEU A 107 -8.79 -36.84 -10.57
C LEU A 107 -7.87 -37.50 -11.58
N ILE A 108 -6.66 -37.83 -11.17
CA ILE A 108 -5.71 -38.50 -12.06
C ILE A 108 -6.21 -39.90 -12.41
N LYS A 109 -6.76 -40.58 -11.41
CA LYS A 109 -7.22 -41.96 -11.56
C LYS A 109 -8.21 -42.13 -12.72
N ASN A 110 -9.28 -41.35 -12.69
CA ASN A 110 -10.37 -41.50 -13.66
C ASN A 110 -10.15 -40.72 -14.96
N CYS A 111 -8.90 -40.34 -15.21
CA CYS A 111 -8.57 -39.64 -16.46
C CYS A 111 -8.32 -40.62 -17.60
N SER A 112 -9.02 -40.41 -18.71
CA SER A 112 -8.88 -41.26 -19.88
C SER A 112 -7.59 -40.91 -20.62
N GLU A 113 -7.20 -41.78 -21.54
CA GLU A 113 -5.96 -41.61 -22.29
C GLU A 113 -5.96 -40.32 -23.12
N THR A 114 -7.14 -39.90 -23.56
CA THR A 114 -7.26 -38.73 -24.43
C THR A 114 -7.25 -37.42 -23.66
N GLN A 115 -7.38 -37.49 -22.34
CA GLN A 115 -7.43 -36.30 -21.50
C GLN A 115 -6.05 -35.92 -20.98
N TYR A 116 -5.18 -35.50 -21.89
CA TYR A 116 -3.82 -35.14 -21.54
C TYR A 116 -3.77 -33.84 -20.76
N GLU A 117 -4.56 -32.86 -21.20
CA GLU A 117 -4.63 -31.57 -20.54
C GLU A 117 -4.90 -31.70 -19.04
N SER A 118 -5.95 -32.43 -18.69
CA SER A 118 -6.29 -32.67 -17.29
C SER A 118 -5.17 -33.42 -16.58
N LYS A 119 -4.66 -34.46 -17.22
CA LYS A 119 -3.63 -35.30 -16.61
C LYS A 119 -2.37 -34.49 -16.29
N VAL A 120 -2.03 -33.55 -17.16
CA VAL A 120 -0.91 -32.65 -16.92
C VAL A 120 -1.21 -31.69 -15.77
N PHE A 121 -2.43 -31.16 -15.77
CA PHE A 121 -2.89 -30.29 -14.69
C PHE A 121 -2.78 -31.00 -13.35
N TYR A 122 -3.43 -32.15 -13.23
CA TYR A 122 -3.49 -32.89 -11.98
C TYR A 122 -2.11 -33.41 -11.56
N LEU A 123 -1.31 -33.81 -12.53
CA LEU A 123 0.05 -34.26 -12.26
C LEU A 123 0.93 -33.10 -11.79
N LYS A 124 0.65 -31.90 -12.28
CA LYS A 124 1.34 -30.71 -11.84
C LYS A 124 0.97 -30.38 -10.40
N MET A 125 -0.32 -30.45 -10.10
CA MET A 125 -0.80 -30.29 -8.73
C MET A 125 -0.10 -31.28 -7.80
N LYS A 126 -0.13 -32.56 -8.18
CA LYS A 126 0.52 -33.61 -7.41
C LYS A 126 1.94 -33.22 -7.08
N GLY A 127 2.67 -32.74 -8.08
CA GLY A 127 4.02 -32.27 -7.89
C GLY A 127 4.08 -31.08 -6.94
N ASP A 128 3.14 -30.16 -7.11
CA ASP A 128 3.09 -28.96 -6.27
C ASP A 128 3.00 -29.30 -4.78
N TYR A 129 2.07 -30.19 -4.44
CA TYR A 129 1.79 -30.50 -3.04
C TYR A 129 2.81 -31.41 -2.38
N TYR A 130 3.38 -32.33 -3.16
CA TYR A 130 4.52 -33.08 -2.68
C TYR A 130 5.68 -32.12 -2.44
N ARG A 131 5.73 -31.06 -3.25
CA ARG A 131 6.76 -30.02 -3.09
C ARG A 131 6.54 -29.23 -1.80
N TYR A 132 5.28 -28.89 -1.53
CA TYR A 132 4.91 -28.16 -0.33
C TYR A 132 5.29 -28.95 0.92
N LEU A 133 5.14 -30.27 0.83
CA LEU A 133 5.54 -31.16 1.92
C LEU A 133 7.05 -31.12 2.12
N ALA A 134 7.78 -31.16 1.02
CA ALA A 134 9.24 -31.14 1.06
C ALA A 134 9.77 -29.94 1.84
N GLU A 135 9.05 -28.83 1.76
CA GLU A 135 9.46 -27.58 2.41
C GLU A 135 9.48 -27.69 3.93
N VAL A 136 8.62 -28.55 4.47
CA VAL A 136 8.49 -28.69 5.92
C VAL A 136 8.99 -30.05 6.42
N ALA A 137 9.60 -30.82 5.53
CA ALA A 137 10.09 -32.15 5.89
C ALA A 137 11.62 -32.21 5.83
N THR A 138 12.19 -33.23 6.47
CA THR A 138 13.63 -33.45 6.46
C THR A 138 13.94 -34.94 6.50
N GLY A 139 15.16 -35.30 6.09
CA GLY A 139 15.60 -36.69 6.10
C GLY A 139 14.80 -37.59 5.18
N GLU A 140 14.61 -38.83 5.58
CA GLU A 140 13.85 -39.81 4.81
C GLU A 140 12.51 -39.22 4.38
N LYS A 141 11.86 -38.51 5.29
CA LYS A 141 10.58 -37.87 5.03
C LYS A 141 10.68 -36.94 3.82
N ARG A 142 11.65 -36.03 3.86
CA ARG A 142 11.84 -35.05 2.79
C ARG A 142 12.24 -35.73 1.47
N ALA A 143 13.30 -36.51 1.52
CA ALA A 143 13.79 -37.19 0.32
C ALA A 143 12.68 -37.92 -0.43
N THR A 144 11.82 -38.61 0.32
CA THR A 144 10.74 -39.39 -0.26
C THR A 144 9.71 -38.52 -0.99
N VAL A 145 9.25 -37.46 -0.34
CA VAL A 145 8.28 -36.56 -0.94
C VAL A 145 8.89 -35.77 -2.10
N VAL A 146 10.16 -35.37 -1.92
CA VAL A 146 10.91 -34.72 -2.99
C VAL A 146 10.99 -35.65 -4.19
N GLU A 147 11.00 -36.95 -3.90
CA GLU A 147 11.03 -37.98 -4.93
C GLU A 147 9.68 -38.05 -5.65
N SER A 148 8.61 -38.12 -4.87
CA SER A 148 7.25 -38.17 -5.42
C SER A 148 6.94 -36.92 -6.25
N SER A 149 7.37 -35.77 -5.75
CA SER A 149 7.18 -34.51 -6.47
C SER A 149 7.90 -34.56 -7.81
N GLU A 150 9.13 -35.07 -7.78
CA GLU A 150 9.93 -35.23 -8.99
C GLU A 150 9.20 -36.10 -10.01
N LYS A 151 8.80 -37.30 -9.58
CA LYS A 151 8.10 -38.24 -10.44
C LYS A 151 6.88 -37.60 -11.10
N ALA A 152 6.13 -36.82 -10.31
CA ALA A 152 4.91 -36.19 -10.79
C ALA A 152 5.21 -35.10 -11.82
N TYR A 153 6.09 -34.17 -11.46
CA TYR A 153 6.51 -33.12 -12.38
C TYR A 153 7.05 -33.71 -13.66
N SER A 154 7.90 -34.74 -13.53
CA SER A 154 8.52 -35.38 -14.68
C SER A 154 7.48 -35.99 -15.62
N GLU A 155 6.53 -36.71 -15.04
CA GLU A 155 5.48 -37.35 -15.83
C GLU A 155 4.64 -36.31 -16.55
N ALA A 156 4.32 -35.23 -15.86
CA ALA A 156 3.54 -34.13 -16.44
C ALA A 156 4.32 -33.45 -17.55
N HIS A 157 5.63 -33.29 -17.33
CA HIS A 157 6.51 -32.67 -18.31
C HIS A 157 6.53 -33.49 -19.60
N GLU A 158 6.67 -34.80 -19.44
CA GLU A 158 6.65 -35.72 -20.58
C GLU A 158 5.38 -35.58 -21.41
N ILE A 159 4.23 -35.59 -20.73
CA ILE A 159 2.94 -35.51 -21.41
C ILE A 159 2.79 -34.16 -22.12
N SER A 160 3.12 -33.08 -21.41
CA SER A 160 2.98 -31.73 -21.94
C SER A 160 3.80 -31.53 -23.20
N LYS A 161 5.06 -31.97 -23.17
CA LYS A 161 5.93 -31.85 -24.32
C LYS A 161 5.39 -32.62 -25.52
N GLU A 162 4.75 -33.75 -25.25
CA GLU A 162 4.32 -34.66 -26.32
C GLU A 162 2.91 -34.35 -26.83
N HIS A 163 2.15 -33.55 -26.09
CA HIS A 163 0.75 -33.34 -26.43
C HIS A 163 0.28 -31.88 -26.39
N MET A 164 1.10 -30.97 -25.89
CA MET A 164 0.67 -29.58 -25.74
C MET A 164 1.56 -28.55 -26.44
N GLN A 165 0.94 -27.48 -26.91
CA GLN A 165 1.67 -26.36 -27.48
C GLN A 165 2.56 -25.74 -26.42
N PRO A 166 3.75 -25.28 -26.79
CA PRO A 166 4.65 -24.64 -25.83
C PRO A 166 4.00 -23.42 -25.17
N THR A 167 2.96 -22.89 -25.79
CA THR A 167 2.28 -21.71 -25.27
C THR A 167 1.08 -22.05 -24.40
N HIS A 168 0.74 -23.34 -24.31
CA HIS A 168 -0.38 -23.77 -23.49
C HIS A 168 -0.12 -23.38 -22.05
N PRO A 169 -1.08 -22.65 -21.44
CA PRO A 169 -0.91 -22.14 -20.07
C PRO A 169 -0.60 -23.27 -19.08
N ILE A 170 -1.16 -24.45 -19.31
CA ILE A 170 -0.92 -25.59 -18.44
C ILE A 170 0.53 -26.07 -18.54
N ARG A 171 1.06 -26.08 -19.76
CA ARG A 171 2.44 -26.48 -19.99
C ARG A 171 3.41 -25.44 -19.41
N LEU A 172 3.09 -24.17 -19.63
CA LEU A 172 3.88 -23.08 -19.07
C LEU A 172 3.81 -23.10 -17.55
N GLY A 173 2.61 -23.21 -17.00
CA GLY A 173 2.42 -23.34 -15.57
C GLY A 173 3.27 -24.45 -15.00
N LEU A 174 3.25 -25.61 -15.66
CA LEU A 174 4.07 -26.74 -15.26
C LEU A 174 5.55 -26.38 -15.23
N ALA A 175 6.02 -25.78 -16.33
CA ALA A 175 7.41 -25.35 -16.42
C ALA A 175 7.78 -24.46 -15.24
N LEU A 176 6.96 -23.44 -14.99
CA LEU A 176 7.20 -22.49 -13.91
C LEU A 176 7.39 -23.21 -12.58
N ASN A 177 6.38 -23.97 -12.17
CA ASN A 177 6.42 -24.70 -10.91
C ASN A 177 7.52 -25.75 -10.84
N TYR A 178 7.74 -26.46 -11.95
CA TYR A 178 8.79 -27.47 -12.02
C TYR A 178 10.16 -26.81 -11.82
N SER A 179 10.38 -25.69 -12.50
CA SER A 179 11.64 -24.97 -12.38
C SER A 179 11.85 -24.47 -10.97
N VAL A 180 10.79 -23.92 -10.37
CA VAL A 180 10.83 -23.51 -8.98
C VAL A 180 11.24 -24.69 -8.11
N PHE A 181 10.65 -25.85 -8.37
CA PHE A 181 11.01 -27.07 -7.67
C PHE A 181 12.52 -27.30 -7.71
N TYR A 182 13.08 -27.25 -8.91
CA TYR A 182 14.52 -27.41 -9.08
C TYR A 182 15.32 -26.42 -8.26
N TYR A 183 14.95 -25.14 -8.35
CA TYR A 183 15.70 -24.09 -7.67
C TYR A 183 15.55 -24.18 -6.15
N GLU A 184 14.33 -24.31 -5.67
CA GLU A 184 14.07 -24.24 -4.23
C GLU A 184 14.25 -25.57 -3.49
N ILE A 185 13.84 -26.66 -4.11
CA ILE A 185 13.92 -27.97 -3.48
C ILE A 185 15.19 -28.73 -3.86
N GLN A 186 15.34 -29.02 -5.15
CA GLN A 186 16.50 -29.74 -5.64
C GLN A 186 17.78 -28.94 -5.38
N ASN A 187 17.63 -27.65 -5.14
CA ASN A 187 18.78 -26.77 -4.96
C ASN A 187 19.64 -26.77 -6.21
N ALA A 188 19.00 -27.02 -7.35
CA ALA A 188 19.71 -27.08 -8.63
C ALA A 188 19.36 -25.88 -9.49
N PRO A 189 20.04 -24.75 -9.26
CA PRO A 189 19.75 -23.47 -9.93
C PRO A 189 19.95 -23.54 -11.44
N GLU A 190 20.93 -24.33 -11.88
CA GLU A 190 21.20 -24.46 -13.30
C GLU A 190 20.03 -25.12 -14.03
N GLN A 191 19.61 -26.27 -13.52
CA GLN A 191 18.48 -26.98 -14.09
C GLN A 191 17.22 -26.11 -14.05
N ALA A 192 17.01 -25.45 -12.92
CA ALA A 192 15.88 -24.55 -12.74
C ALA A 192 15.90 -23.46 -13.80
N CYS A 193 17.00 -22.72 -13.85
CA CYS A 193 17.18 -21.68 -14.86
C CYS A 193 17.02 -22.23 -16.28
N HIS A 194 17.52 -23.45 -16.50
CA HIS A 194 17.46 -24.06 -17.82
C HIS A 194 16.02 -24.35 -18.24
N LEU A 195 15.28 -25.06 -17.38
CA LEU A 195 13.90 -25.42 -17.66
C LEU A 195 13.05 -24.19 -17.94
N ALA A 196 13.17 -23.18 -17.09
CA ALA A 196 12.43 -21.94 -17.26
C ALA A 196 12.85 -21.23 -18.55
N LYS A 197 14.16 -21.13 -18.77
CA LYS A 197 14.70 -20.51 -19.97
C LYS A 197 14.18 -21.21 -21.21
N THR A 198 14.27 -22.53 -21.21
CA THR A 198 13.82 -23.33 -22.34
C THR A 198 12.33 -23.15 -22.59
N ALA A 199 11.54 -23.29 -21.53
CA ALA A 199 10.09 -23.15 -21.63
C ALA A 199 9.70 -21.80 -22.21
N PHE A 200 10.37 -20.74 -21.74
CA PHE A 200 10.07 -19.39 -22.19
C PHE A 200 10.40 -19.22 -23.67
N ASP A 201 11.56 -19.75 -24.08
CA ASP A 201 12.00 -19.65 -25.47
C ASP A 201 11.13 -20.45 -26.42
N ASP A 202 10.66 -21.61 -25.97
CA ASP A 202 9.77 -22.45 -26.76
C ASP A 202 8.45 -21.76 -27.04
N ALA A 203 7.89 -21.12 -26.01
CA ALA A 203 6.62 -20.40 -26.15
C ALA A 203 6.77 -19.24 -27.12
N ILE A 204 7.89 -18.51 -27.01
CA ILE A 204 8.16 -17.40 -27.91
C ILE A 204 8.39 -17.86 -29.35
N ALA A 205 9.22 -18.88 -29.51
CA ALA A 205 9.49 -19.44 -30.83
C ALA A 205 8.18 -19.77 -31.56
N GLU A 206 7.18 -20.18 -30.80
CA GLU A 206 5.86 -20.46 -31.35
C GLU A 206 4.83 -19.50 -30.77
N LEU A 207 5.23 -18.24 -30.65
CA LEU A 207 4.38 -17.20 -30.07
C LEU A 207 3.09 -17.02 -30.88
N ASP A 208 2.99 -17.75 -31.99
CA ASP A 208 1.84 -17.65 -32.88
C ASP A 208 0.79 -18.70 -32.55
N THR A 209 1.12 -19.62 -31.65
CA THR A 209 0.21 -20.70 -31.30
C THR A 209 -0.77 -20.31 -30.20
N LEU A 210 -0.72 -19.05 -29.79
CA LEU A 210 -1.65 -18.53 -28.79
C LEU A 210 -3.08 -18.55 -29.32
N ASN A 211 -4.04 -18.58 -28.40
CA ASN A 211 -5.46 -18.55 -28.77
C ASN A 211 -6.25 -17.60 -27.88
N GLU A 212 -7.42 -17.20 -28.35
CA GLU A 212 -8.28 -16.30 -27.59
C GLU A 212 -8.45 -16.76 -26.15
N ASP A 213 -8.83 -18.01 -25.97
CA ASP A 213 -9.24 -18.52 -24.66
C ASP A 213 -8.26 -18.23 -23.52
N SER A 214 -6.97 -18.31 -23.80
CA SER A 214 -5.98 -18.19 -22.72
C SER A 214 -4.67 -17.52 -23.12
N TYR A 215 -4.74 -16.52 -23.99
CA TYR A 215 -3.55 -15.76 -24.36
C TYR A 215 -3.05 -14.98 -23.14
N LYS A 216 -4.00 -14.47 -22.35
CA LYS A 216 -3.67 -13.73 -21.13
C LYS A 216 -2.88 -14.59 -20.15
N ASP A 217 -3.36 -15.79 -19.88
CA ASP A 217 -2.69 -16.71 -18.97
C ASP A 217 -1.27 -17.01 -19.44
N SER A 218 -1.14 -17.39 -20.71
CA SER A 218 0.15 -17.72 -21.30
C SER A 218 1.17 -16.60 -21.12
N THR A 219 0.86 -15.44 -21.70
CA THR A 219 1.75 -14.28 -21.61
C THR A 219 2.13 -13.98 -20.16
N LEU A 220 1.16 -14.06 -19.27
CA LEU A 220 1.39 -13.81 -17.84
C LEU A 220 2.39 -14.80 -17.28
N ILE A 221 2.16 -16.09 -17.54
CA ILE A 221 3.06 -17.14 -17.08
C ILE A 221 4.45 -17.00 -17.72
N MET A 222 4.49 -16.65 -19.00
CA MET A 222 5.75 -16.37 -19.69
C MET A 222 6.50 -15.26 -18.95
N GLN A 223 5.75 -14.26 -18.50
CA GLN A 223 6.32 -13.16 -17.73
C GLN A 223 6.87 -13.64 -16.39
N LEU A 224 6.11 -14.51 -15.72
CA LEU A 224 6.54 -15.09 -14.45
C LEU A 224 7.82 -15.89 -14.63
N LEU A 225 7.92 -16.59 -15.76
CA LEU A 225 9.12 -17.36 -16.08
C LEU A 225 10.34 -16.45 -16.19
N ARG A 226 10.23 -15.41 -17.01
CA ARG A 226 11.31 -14.44 -17.17
C ARG A 226 11.67 -13.80 -15.83
N ASP A 227 10.66 -13.49 -15.03
CA ASP A 227 10.87 -12.91 -13.71
C ASP A 227 11.78 -13.80 -12.86
N ASN A 228 11.43 -15.08 -12.76
CA ASN A 228 12.24 -16.04 -12.02
C ASN A 228 13.68 -16.09 -12.52
N LEU A 229 13.84 -16.20 -13.83
CA LEU A 229 15.16 -16.17 -14.45
C LEU A 229 15.94 -14.95 -13.97
N THR A 230 15.29 -13.80 -13.99
CA THR A 230 15.89 -12.56 -13.50
C THR A 230 16.18 -12.66 -12.00
N LEU A 231 15.22 -13.20 -11.26
CA LEU A 231 15.33 -13.31 -9.80
C LEU A 231 16.39 -14.33 -9.41
N TRP A 232 16.74 -15.22 -10.34
CA TRP A 232 17.74 -16.25 -10.08
C TRP A 232 19.12 -15.84 -10.58
N THR A 233 19.15 -15.14 -11.71
CA THR A 233 20.40 -14.71 -12.33
C THR A 233 21.09 -13.62 -11.51
N SER A 234 20.45 -13.20 -10.43
CA SER A 234 21.03 -12.22 -9.52
C SER A 234 21.54 -12.89 -8.26
N ASP A 235 20.76 -13.84 -7.74
CA ASP A 235 21.16 -14.60 -6.58
C ASP A 235 22.36 -15.49 -6.92
N GLN A 236 22.51 -15.81 -8.19
CA GLN A 236 23.60 -16.67 -8.64
C GLN A 236 24.83 -15.87 -9.06
N GLN A 237 24.89 -14.63 -8.61
CA GLN A 237 26.03 -13.77 -8.91
C GLN A 237 26.50 -13.04 -7.66
N ASP A 238 25.74 -13.22 -6.57
CA ASP A 238 26.11 -12.64 -5.27
C ASP A 238 26.81 -13.68 -4.40
N VAL B 1 -0.97 -28.37 29.50
CA VAL B 1 0.12 -27.42 29.63
C VAL B 1 -0.16 -26.42 30.75
N ASP B 2 0.87 -25.64 31.11
CA ASP B 2 0.73 -24.67 32.18
C ASP B 2 0.17 -23.34 31.67
N ARG B 3 -0.28 -22.50 32.59
CA ARG B 3 -0.82 -21.20 32.24
C ARG B 3 0.17 -20.41 31.38
N GLU B 4 1.42 -20.35 31.84
CA GLU B 4 2.47 -19.64 31.11
C GLU B 4 2.60 -20.12 29.67
N GLN B 5 2.41 -21.42 29.46
CA GLN B 5 2.51 -22.01 28.12
C GLN B 5 1.29 -21.70 27.27
N LEU B 6 0.13 -21.55 27.90
CA LEU B 6 -1.09 -21.19 27.20
C LEU B 6 -1.04 -19.74 26.72
N VAL B 7 -0.51 -18.87 27.57
CA VAL B 7 -0.35 -17.46 27.23
C VAL B 7 0.72 -17.30 26.15
N GLN B 8 1.75 -18.14 26.23
CA GLN B 8 2.81 -18.15 25.23
C GLN B 8 2.28 -18.62 23.89
N LYS B 9 1.48 -19.68 23.91
CA LYS B 9 0.84 -20.17 22.69
C LYS B 9 -0.03 -19.09 22.07
N ALA B 10 -0.64 -18.27 22.93
CA ALA B 10 -1.49 -17.17 22.50
C ALA B 10 -0.67 -16.08 21.83
N ARG B 11 0.55 -15.88 22.30
CA ARG B 11 1.44 -14.89 21.69
C ARG B 11 1.96 -15.39 20.34
N LEU B 12 2.26 -16.68 20.27
CA LEU B 12 2.73 -17.30 19.03
C LEU B 12 1.64 -17.25 17.97
N ALA B 13 0.42 -17.61 18.37
CA ALA B 13 -0.71 -17.61 17.47
C ALA B 13 -0.93 -16.22 16.86
N GLU B 14 -0.85 -15.18 17.70
CA GLU B 14 -1.01 -13.82 17.23
C GLU B 14 0.01 -13.48 16.14
N GLN B 15 1.26 -13.90 16.36
CA GLN B 15 2.33 -13.68 15.40
C GLN B 15 2.01 -14.35 14.07
N ALA B 16 1.51 -15.57 14.13
CA ALA B 16 1.15 -16.32 12.93
C ALA B 16 -0.19 -15.84 12.38
N GLU B 17 -0.87 -14.98 13.15
CA GLU B 17 -2.19 -14.47 12.79
C GLU B 17 -3.25 -15.57 12.80
N ARG B 18 -3.00 -16.63 13.55
CA ARG B 18 -4.00 -17.68 13.75
C ARG B 18 -4.83 -17.34 14.98
N TYR B 19 -5.79 -16.43 14.79
CA TYR B 19 -6.54 -15.85 15.89
C TYR B 19 -7.52 -16.80 16.56
N ASP B 20 -7.96 -17.82 15.81
CA ASP B 20 -8.78 -18.86 16.39
C ASP B 20 -8.00 -19.57 17.49
N ASP B 21 -6.78 -19.96 17.19
CA ASP B 21 -5.90 -20.55 18.19
C ASP B 21 -5.65 -19.57 19.33
N MET B 22 -5.48 -18.30 18.98
CA MET B 22 -5.18 -17.28 19.97
C MET B 22 -6.32 -17.14 20.98
N ALA B 23 -7.54 -17.08 20.47
CA ALA B 23 -8.73 -16.96 21.31
C ALA B 23 -8.92 -18.20 22.18
N ALA B 24 -8.83 -19.37 21.56
CA ALA B 24 -8.96 -20.63 22.27
C ALA B 24 -7.92 -20.74 23.39
N ALA B 25 -6.73 -20.23 23.14
CA ALA B 25 -5.65 -20.25 24.14
C ALA B 25 -6.01 -19.37 25.33
N MET B 26 -6.44 -18.14 25.05
CA MET B 26 -6.81 -17.20 26.10
C MET B 26 -8.11 -17.61 26.79
N LYS B 27 -8.96 -18.33 26.08
CA LYS B 27 -10.16 -18.90 26.68
C LYS B 27 -9.78 -19.94 27.72
N ASN B 28 -8.85 -20.82 27.35
CA ASN B 28 -8.35 -21.83 28.27
C ASN B 28 -7.66 -21.20 29.49
N VAL B 29 -6.97 -20.09 29.27
CA VAL B 29 -6.36 -19.34 30.36
C VAL B 29 -7.44 -18.82 31.30
N THR B 30 -8.42 -18.13 30.75
CA THR B 30 -9.52 -17.58 31.53
C THR B 30 -10.22 -18.68 32.33
N GLU B 31 -10.34 -19.85 31.71
CA GLU B 31 -11.02 -20.98 32.33
C GLU B 31 -10.21 -21.60 33.47
N LEU B 32 -8.96 -21.17 33.61
CA LEU B 32 -8.14 -21.56 34.75
C LEU B 32 -8.75 -21.02 36.04
N ASN B 33 -9.70 -20.10 35.89
CA ASN B 33 -10.43 -19.53 37.02
C ASN B 33 -9.58 -18.58 37.88
N GLU B 34 -8.48 -18.10 37.32
CA GLU B 34 -7.66 -17.12 38.00
C GLU B 34 -7.81 -15.75 37.35
N PRO B 35 -7.56 -14.67 38.11
CA PRO B 35 -7.64 -13.32 37.56
C PRO B 35 -6.76 -13.16 36.33
N LEU B 36 -7.04 -12.16 35.50
CA LEU B 36 -6.24 -11.89 34.32
C LEU B 36 -5.36 -10.66 34.49
N SER B 37 -4.09 -10.77 34.11
CA SER B 37 -3.19 -9.63 34.15
C SER B 37 -3.52 -8.68 33.01
N ASN B 38 -2.89 -7.52 32.98
CA ASN B 38 -3.09 -6.57 31.89
C ASN B 38 -2.75 -7.15 30.53
N GLU B 39 -1.63 -7.86 30.46
CA GLU B 39 -1.19 -8.48 29.21
C GLU B 39 -2.21 -9.52 28.74
N GLU B 40 -2.66 -10.34 29.66
CA GLU B 40 -3.62 -11.40 29.38
C GLU B 40 -4.97 -10.82 28.95
N ARG B 41 -5.40 -9.76 29.62
CA ARG B 41 -6.60 -9.03 29.23
C ARG B 41 -6.48 -8.57 27.78
N ASN B 42 -5.34 -8.00 27.45
CA ASN B 42 -5.06 -7.52 26.10
C ASN B 42 -5.06 -8.64 25.07
N LEU B 43 -4.40 -9.74 25.39
CA LEU B 43 -4.33 -10.89 24.50
C LEU B 43 -5.73 -11.45 24.21
N LEU B 44 -6.53 -11.62 25.26
CA LEU B 44 -7.88 -12.13 25.11
C LEU B 44 -8.74 -11.20 24.26
N SER B 45 -8.65 -9.90 24.54
CA SER B 45 -9.40 -8.89 23.80
C SER B 45 -9.00 -8.87 22.32
N VAL B 46 -7.70 -8.76 22.07
CA VAL B 46 -7.18 -8.78 20.71
C VAL B 46 -7.58 -10.05 19.97
N ALA B 47 -7.49 -11.18 20.68
CA ALA B 47 -7.83 -12.47 20.10
C ALA B 47 -9.26 -12.53 19.57
N TYR B 48 -10.21 -12.19 20.43
CA TYR B 48 -11.63 -12.29 20.07
C TYR B 48 -12.10 -11.16 19.16
N LYS B 49 -11.42 -10.01 19.20
CA LYS B 49 -11.76 -8.93 18.30
C LYS B 49 -11.42 -9.31 16.86
N ASN B 50 -10.27 -9.95 16.67
CA ASN B 50 -9.85 -10.39 15.34
C ASN B 50 -10.69 -11.54 14.80
N VAL B 51 -11.09 -12.46 15.67
CA VAL B 51 -11.97 -13.55 15.27
C VAL B 51 -13.32 -13.01 14.82
N VAL B 52 -13.98 -12.26 15.70
CA VAL B 52 -15.28 -11.70 15.39
C VAL B 52 -15.18 -10.77 14.19
N GLY B 53 -14.03 -10.10 14.05
CA GLY B 53 -13.80 -9.21 12.93
C GLY B 53 -13.72 -9.96 11.62
N ALA B 54 -12.93 -11.04 11.62
CA ALA B 54 -12.80 -11.89 10.44
C ALA B 54 -14.15 -12.40 9.96
N ARG B 55 -14.98 -12.86 10.90
CA ARG B 55 -16.33 -13.32 10.59
C ARG B 55 -17.16 -12.17 10.05
N GLU B 56 -17.03 -11.00 10.68
CA GLU B 56 -17.80 -9.84 10.30
C GLU B 56 -17.52 -9.48 8.84
N SER B 57 -16.25 -9.46 8.47
CA SER B 57 -15.84 -9.17 7.10
C SER B 57 -16.48 -10.16 6.13
N SER B 58 -16.29 -11.45 6.38
CA SER B 58 -16.87 -12.50 5.56
C SER B 58 -18.39 -12.36 5.52
N TRP B 59 -18.97 -12.03 6.66
CA TRP B 59 -20.43 -11.89 6.78
C TRP B 59 -20.93 -10.77 5.87
N ARG B 60 -20.20 -9.67 5.84
CA ARG B 60 -20.57 -8.53 5.01
C ARG B 60 -20.44 -8.85 3.52
N VAL B 61 -19.31 -9.44 3.13
CA VAL B 61 -19.08 -9.82 1.75
C VAL B 61 -20.19 -10.72 1.21
N ILE B 62 -20.55 -11.73 1.99
CA ILE B 62 -21.60 -12.67 1.58
C ILE B 62 -22.98 -12.02 1.64
N SER B 63 -23.23 -11.29 2.72
CA SER B 63 -24.51 -10.60 2.88
C SER B 63 -24.76 -9.66 1.71
N SER B 64 -23.71 -8.99 1.24
CA SER B 64 -23.81 -8.10 0.09
C SER B 64 -24.14 -8.92 -1.16
N ILE B 65 -23.45 -10.03 -1.32
CA ILE B 65 -23.70 -10.94 -2.44
C ILE B 65 -25.14 -11.44 -2.39
N GLU B 66 -25.63 -11.69 -1.17
CA GLU B 66 -27.01 -12.11 -0.97
C GLU B 66 -27.98 -11.01 -1.39
N GLN B 67 -27.49 -9.77 -1.39
CA GLN B 67 -28.32 -8.62 -1.75
C GLN B 67 -28.54 -8.54 -3.26
N LYS B 68 -27.44 -8.50 -4.02
CA LYS B 68 -27.52 -8.40 -5.47
C LYS B 68 -27.97 -9.70 -6.13
N THR B 69 -27.83 -10.82 -5.41
CA THR B 69 -28.27 -12.12 -5.92
C THR B 69 -29.79 -12.22 -5.86
N SER B 70 -30.38 -11.61 -4.85
CA SER B 70 -31.83 -11.64 -4.67
C SER B 70 -32.50 -10.61 -5.59
N ALA B 71 -31.82 -9.48 -5.78
CA ALA B 71 -32.31 -8.43 -6.66
C ALA B 71 -32.45 -8.95 -8.09
N ASP B 72 -31.44 -9.68 -8.54
CA ASP B 72 -31.48 -10.30 -9.86
C ASP B 72 -32.69 -11.21 -10.01
N GLY B 73 -33.06 -11.87 -8.92
CA GLY B 73 -34.24 -12.71 -8.90
C GLY B 73 -33.95 -14.18 -9.10
N ASN B 74 -32.72 -14.59 -8.81
CA ASN B 74 -32.34 -15.99 -8.93
C ASN B 74 -33.11 -16.86 -7.94
N GLU B 75 -32.84 -18.16 -7.94
CA GLU B 75 -33.53 -19.10 -7.07
C GLU B 75 -32.58 -19.98 -6.29
N LYS B 76 -32.03 -20.99 -6.95
CA LYS B 76 -31.09 -21.90 -6.30
C LYS B 76 -29.91 -21.13 -5.71
N LYS B 77 -29.60 -19.99 -6.31
CA LYS B 77 -28.54 -19.12 -5.81
C LYS B 77 -28.84 -18.60 -4.41
N ILE B 78 -29.96 -17.89 -4.27
CA ILE B 78 -30.37 -17.35 -2.98
C ILE B 78 -30.41 -18.46 -1.93
N GLU B 79 -30.74 -19.67 -2.37
CA GLU B 79 -30.79 -20.83 -1.48
C GLU B 79 -29.46 -21.08 -0.79
N MET B 80 -28.38 -21.06 -1.57
CA MET B 80 -27.06 -21.35 -1.05
C MET B 80 -26.43 -20.14 -0.37
N VAL B 81 -26.51 -18.99 -1.02
CA VAL B 81 -25.94 -17.76 -0.47
C VAL B 81 -26.50 -17.46 0.91
N ARG B 82 -27.83 -17.56 1.02
CA ARG B 82 -28.51 -17.34 2.29
C ARG B 82 -28.02 -18.32 3.35
N ALA B 83 -27.94 -19.60 2.97
CA ALA B 83 -27.49 -20.65 3.89
C ALA B 83 -26.03 -20.46 4.31
N TYR B 84 -25.23 -19.87 3.44
CA TYR B 84 -23.83 -19.63 3.75
C TYR B 84 -23.67 -18.42 4.67
N ARG B 85 -24.44 -17.37 4.40
CA ARG B 85 -24.43 -16.18 5.24
C ARG B 85 -24.87 -16.53 6.64
N GLU B 86 -25.84 -17.44 6.74
CA GLU B 86 -26.35 -17.90 8.02
C GLU B 86 -25.29 -18.71 8.77
N LYS B 87 -24.51 -19.48 8.03
CA LYS B 87 -23.42 -20.25 8.61
C LYS B 87 -22.39 -19.32 9.24
N ILE B 88 -21.92 -18.36 8.46
CA ILE B 88 -20.98 -17.36 8.95
C ILE B 88 -21.58 -16.56 10.10
N GLU B 89 -22.86 -16.21 9.97
CA GLU B 89 -23.60 -15.48 11.00
C GLU B 89 -23.66 -16.29 12.29
N LYS B 90 -24.01 -17.56 12.17
CA LYS B 90 -24.02 -18.47 13.32
C LYS B 90 -22.64 -18.52 13.99
N GLU B 91 -21.59 -18.58 13.17
CA GLU B 91 -20.23 -18.59 13.69
C GLU B 91 -19.93 -17.31 14.47
N LEU B 92 -20.26 -16.17 13.86
CA LEU B 92 -20.04 -14.87 14.49
C LEU B 92 -20.74 -14.76 15.84
N GLU B 93 -21.99 -15.19 15.86
CA GLU B 93 -22.78 -15.17 17.09
C GLU B 93 -22.18 -16.06 18.17
N ALA B 94 -21.73 -17.25 17.76
CA ALA B 94 -21.14 -18.21 18.69
C ALA B 94 -19.87 -17.67 19.33
N VAL B 95 -19.06 -16.98 18.53
CA VAL B 95 -17.85 -16.33 19.05
C VAL B 95 -18.20 -15.31 20.13
N CYS B 96 -19.12 -14.40 19.79
CA CYS B 96 -19.57 -13.38 20.73
C CYS B 96 -20.11 -14.01 22.01
N GLN B 97 -21.00 -14.98 21.87
CA GLN B 97 -21.54 -15.70 23.01
C GLN B 97 -20.43 -16.35 23.83
N ASP B 98 -19.34 -16.73 23.17
CA ASP B 98 -18.21 -17.35 23.82
C ASP B 98 -17.53 -16.36 24.77
N VAL B 99 -17.17 -15.20 24.24
CA VAL B 99 -16.55 -14.16 25.06
C VAL B 99 -17.50 -13.69 26.15
N LEU B 100 -18.75 -13.48 25.79
CA LEU B 100 -19.76 -13.01 26.74
C LEU B 100 -19.90 -13.96 27.93
N SER B 101 -19.85 -15.26 27.66
CA SER B 101 -19.88 -16.26 28.71
C SER B 101 -18.66 -16.11 29.62
N LEU B 102 -17.51 -15.85 29.02
CA LEU B 102 -16.28 -15.65 29.77
C LEU B 102 -16.37 -14.42 30.67
N LEU B 103 -16.96 -13.35 30.15
CA LEU B 103 -17.07 -12.09 30.88
C LEU B 103 -18.04 -12.21 32.07
N ASP B 104 -19.15 -12.90 31.86
CA ASP B 104 -20.18 -13.00 32.89
C ASP B 104 -19.87 -14.05 33.95
N ASN B 105 -19.14 -15.11 33.58
CA ASN B 105 -18.90 -16.23 34.47
C ASN B 105 -17.50 -16.26 35.10
N TYR B 106 -16.60 -15.42 34.60
CA TYR B 106 -15.22 -15.42 35.07
C TYR B 106 -14.71 -14.02 35.37
N LEU B 107 -14.66 -13.19 34.33
CA LEU B 107 -13.98 -11.90 34.40
C LEU B 107 -14.71 -10.86 35.24
N ILE B 108 -15.89 -10.45 34.80
CA ILE B 108 -16.70 -9.49 35.54
C ILE B 108 -17.13 -10.08 36.88
N LYS B 109 -17.30 -11.40 36.89
CA LYS B 109 -17.78 -12.10 38.07
C LYS B 109 -16.78 -12.04 39.23
N ASN B 110 -15.56 -12.52 38.97
CA ASN B 110 -14.55 -12.67 40.02
C ASN B 110 -13.92 -11.36 40.47
N CYS B 111 -14.34 -10.24 39.88
CA CYS B 111 -13.79 -8.94 40.22
C CYS B 111 -14.33 -8.42 41.54
N SER B 112 -13.44 -7.85 42.36
CA SER B 112 -13.83 -7.27 43.64
C SER B 112 -14.21 -5.81 43.45
N GLU B 113 -14.76 -5.21 44.51
CA GLU B 113 -15.18 -3.82 44.46
C GLU B 113 -14.03 -2.90 44.06
N THR B 114 -12.86 -3.10 44.66
CA THR B 114 -11.73 -2.22 44.46
C THR B 114 -11.16 -2.26 43.05
N GLN B 115 -11.52 -3.31 42.30
CA GLN B 115 -10.99 -3.49 40.95
C GLN B 115 -11.87 -2.81 39.90
N TYR B 116 -11.83 -1.47 39.88
CA TYR B 116 -12.70 -0.69 39.02
C TYR B 116 -12.22 -0.65 37.57
N GLU B 117 -10.90 -0.56 37.39
CA GLU B 117 -10.33 -0.55 36.05
C GLU B 117 -10.71 -1.82 35.29
N SER B 118 -10.46 -2.97 35.92
CA SER B 118 -10.79 -4.26 35.30
C SER B 118 -12.27 -4.33 34.95
N LYS B 119 -13.12 -3.97 35.91
CA LYS B 119 -14.56 -4.05 35.69
C LYS B 119 -15.01 -3.16 34.54
N VAL B 120 -14.38 -2.01 34.39
CA VAL B 120 -14.66 -1.10 33.28
C VAL B 120 -14.22 -1.70 31.95
N PHE B 121 -13.02 -2.27 31.95
CA PHE B 121 -12.49 -2.94 30.76
C PHE B 121 -13.43 -4.06 30.31
N TYR B 122 -13.74 -4.97 31.23
CA TYR B 122 -14.58 -6.12 30.93
C TYR B 122 -16.00 -5.74 30.55
N LEU B 123 -16.55 -4.75 31.25
CA LEU B 123 -17.88 -4.25 30.94
C LEU B 123 -17.91 -3.59 29.56
N LYS B 124 -16.80 -3.01 29.15
CA LYS B 124 -16.67 -2.43 27.83
C LYS B 124 -16.67 -3.52 26.76
N MET B 125 -15.89 -4.57 26.99
CA MET B 125 -15.90 -5.74 26.11
C MET B 125 -17.32 -6.28 25.97
N LYS B 126 -17.99 -6.45 27.10
CA LYS B 126 -19.36 -6.95 27.12
C LYS B 126 -20.25 -6.12 26.21
N GLY B 127 -20.17 -4.80 26.35
CA GLY B 127 -20.88 -3.90 25.46
C GLY B 127 -20.44 -4.06 24.01
N ASP B 128 -19.13 -4.21 23.81
CA ASP B 128 -18.60 -4.39 22.46
C ASP B 128 -19.21 -5.60 21.74
N TYR B 129 -19.16 -6.75 22.40
CA TYR B 129 -19.57 -7.99 21.75
C TYR B 129 -21.08 -8.13 21.60
N TYR B 130 -21.83 -7.49 22.48
CA TYR B 130 -23.26 -7.36 22.29
C TYR B 130 -23.52 -6.45 21.11
N ARG B 131 -22.65 -5.47 20.92
CA ARG B 131 -22.75 -4.56 19.78
C ARG B 131 -22.53 -5.30 18.46
N TYR B 132 -21.52 -6.17 18.44
CA TYR B 132 -21.22 -6.97 17.26
C TYR B 132 -22.40 -7.86 16.87
N LEU B 133 -23.07 -8.42 17.88
CA LEU B 133 -24.26 -9.22 17.66
C LEU B 133 -25.37 -8.40 17.03
N ALA B 134 -25.54 -7.18 17.53
CA ALA B 134 -26.55 -6.26 17.00
C ALA B 134 -26.34 -6.00 15.51
N GLU B 135 -25.08 -5.94 15.10
CA GLU B 135 -24.72 -5.65 13.71
C GLU B 135 -25.31 -6.68 12.73
N VAL B 136 -25.57 -7.89 13.22
CA VAL B 136 -26.08 -8.96 12.37
C VAL B 136 -27.47 -9.43 12.77
N ALA B 137 -28.03 -8.83 13.82
CA ALA B 137 -29.34 -9.23 14.30
C ALA B 137 -30.43 -8.26 13.86
N THR B 138 -31.69 -8.68 14.00
CA THR B 138 -32.84 -7.85 13.66
C THR B 138 -34.04 -8.20 14.53
N GLY B 139 -34.91 -7.23 14.73
CA GLY B 139 -36.13 -7.44 15.50
C GLY B 139 -35.88 -7.74 16.96
N GLU B 140 -36.61 -8.71 17.50
CA GLU B 140 -36.46 -9.12 18.89
C GLU B 140 -35.00 -9.41 19.23
N LYS B 141 -34.33 -10.11 18.32
CA LYS B 141 -32.94 -10.48 18.50
C LYS B 141 -32.06 -9.25 18.67
N ARG B 142 -32.26 -8.26 17.79
CA ARG B 142 -31.44 -7.05 17.79
C ARG B 142 -31.75 -6.15 18.97
N ALA B 143 -33.02 -5.83 19.17
CA ALA B 143 -33.42 -4.96 20.27
C ALA B 143 -32.91 -5.47 21.61
N THR B 144 -32.91 -6.80 21.77
CA THR B 144 -32.48 -7.42 23.02
C THR B 144 -30.98 -7.30 23.24
N VAL B 145 -30.20 -7.46 22.18
CA VAL B 145 -28.74 -7.35 22.28
C VAL B 145 -28.29 -5.89 22.30
N VAL B 146 -29.00 -5.03 21.58
CA VAL B 146 -28.76 -3.60 21.63
C VAL B 146 -29.00 -3.11 23.06
N GLU B 147 -29.97 -3.74 23.72
CA GLU B 147 -30.27 -3.45 25.11
C GLU B 147 -29.13 -3.85 26.03
N SER B 148 -28.71 -5.11 25.94
CA SER B 148 -27.61 -5.63 26.75
C SER B 148 -26.33 -4.81 26.55
N SER B 149 -26.02 -4.49 25.30
CA SER B 149 -24.86 -3.66 24.97
C SER B 149 -24.96 -2.31 25.68
N GLU B 150 -26.12 -1.68 25.57
CA GLU B 150 -26.39 -0.42 26.24
C GLU B 150 -26.13 -0.53 27.73
N LYS B 151 -26.77 -1.52 28.37
CA LYS B 151 -26.62 -1.74 29.81
C LYS B 151 -25.15 -1.83 30.22
N ALA B 152 -24.37 -2.53 29.40
CA ALA B 152 -22.97 -2.78 29.72
C ALA B 152 -22.11 -1.52 29.58
N TYR B 153 -22.32 -0.79 28.49
CA TYR B 153 -21.60 0.46 28.27
C TYR B 153 -21.93 1.47 29.36
N SER B 154 -23.22 1.58 29.68
CA SER B 154 -23.67 2.54 30.68
C SER B 154 -23.02 2.28 32.04
N GLU B 155 -23.12 1.03 32.51
CA GLU B 155 -22.56 0.65 33.80
C GLU B 155 -21.05 0.89 33.82
N ALA B 156 -20.40 0.66 32.69
CA ALA B 156 -18.97 0.90 32.55
C ALA B 156 -18.68 2.40 32.58
N HIS B 157 -19.58 3.17 32.00
CA HIS B 157 -19.44 4.63 31.97
C HIS B 157 -19.63 5.21 33.37
N GLU B 158 -20.58 4.65 34.12
CA GLU B 158 -20.83 5.09 35.49
C GLU B 158 -19.57 4.94 36.34
N ILE B 159 -18.90 3.79 36.21
CA ILE B 159 -17.73 3.48 37.00
C ILE B 159 -16.49 4.24 36.53
N SER B 160 -16.45 4.54 35.23
CA SER B 160 -15.32 5.27 34.65
C SER B 160 -15.33 6.72 35.12
N LYS B 161 -16.47 7.39 35.01
CA LYS B 161 -16.61 8.76 35.45
C LYS B 161 -16.35 8.89 36.96
N GLU B 162 -16.69 7.84 37.70
CA GLU B 162 -16.66 7.90 39.17
C GLU B 162 -15.31 7.51 39.77
N HIS B 163 -14.51 6.75 39.04
CA HIS B 163 -13.28 6.19 39.59
C HIS B 163 -12.02 6.42 38.75
N MET B 164 -12.17 6.92 37.52
CA MET B 164 -11.02 7.02 36.62
C MET B 164 -10.80 8.44 36.08
N GLN B 165 -9.53 8.78 35.87
CA GLN B 165 -9.16 10.05 35.25
C GLN B 165 -9.78 10.10 33.86
N PRO B 166 -10.15 11.31 33.40
CA PRO B 166 -10.72 11.47 32.05
C PRO B 166 -9.72 11.04 30.98
N THR B 167 -8.44 10.94 31.35
CA THR B 167 -7.40 10.63 30.38
C THR B 167 -7.03 9.14 30.39
N HIS B 168 -7.53 8.41 31.37
CA HIS B 168 -7.26 6.98 31.48
C HIS B 168 -7.67 6.29 30.18
N PRO B 169 -6.74 5.55 29.56
CA PRO B 169 -7.00 4.92 28.26
C PRO B 169 -8.25 4.04 28.27
N ILE B 170 -8.51 3.37 29.39
CA ILE B 170 -9.70 2.52 29.48
C ILE B 170 -10.98 3.35 29.43
N ARG B 171 -10.94 4.53 30.05
CA ARG B 171 -12.09 5.42 30.04
C ARG B 171 -12.29 6.03 28.65
N LEU B 172 -11.19 6.38 28.01
CA LEU B 172 -11.23 6.92 26.65
C LEU B 172 -11.72 5.85 25.66
N GLY B 173 -11.18 4.65 25.81
CA GLY B 173 -11.60 3.52 24.99
C GLY B 173 -13.09 3.28 25.09
N LEU B 174 -13.60 3.27 26.31
CA LEU B 174 -15.03 3.11 26.56
C LEU B 174 -15.83 4.19 25.85
N ALA B 175 -15.37 5.43 25.96
CA ALA B 175 -16.01 6.55 25.28
C ALA B 175 -16.02 6.35 23.77
N LEU B 176 -14.88 5.96 23.22
CA LEU B 176 -14.75 5.71 21.79
C LEU B 176 -15.76 4.68 21.32
N ASN B 177 -15.72 3.50 21.95
CA ASN B 177 -16.62 2.40 21.60
C ASN B 177 -18.09 2.70 21.90
N TYR B 178 -18.33 3.40 23.01
CA TYR B 178 -19.69 3.77 23.39
C TYR B 178 -20.27 4.77 22.39
N SER B 179 -19.46 5.75 21.99
CA SER B 179 -19.89 6.76 21.04
C SER B 179 -20.14 6.12 19.68
N VAL B 180 -19.36 5.11 19.34
CA VAL B 180 -19.56 4.36 18.11
C VAL B 180 -20.88 3.61 18.18
N PHE B 181 -21.18 3.07 19.35
CA PHE B 181 -22.45 2.38 19.58
C PHE B 181 -23.63 3.29 19.28
N TYR B 182 -23.58 4.52 19.79
CA TYR B 182 -24.63 5.50 19.56
C TYR B 182 -24.80 5.82 18.07
N TYR B 183 -23.70 6.06 17.39
CA TYR B 183 -23.74 6.46 15.99
C TYR B 183 -24.15 5.31 15.08
N GLU B 184 -23.48 4.16 15.23
CA GLU B 184 -23.68 3.04 14.31
C GLU B 184 -24.86 2.14 14.66
N ILE B 185 -25.08 1.90 15.95
CA ILE B 185 -26.15 1.00 16.37
C ILE B 185 -27.42 1.74 16.78
N GLN B 186 -27.27 2.74 17.64
CA GLN B 186 -28.41 3.53 18.09
C GLN B 186 -28.89 4.46 16.99
N ASN B 187 -28.03 4.71 16.01
CA ASN B 187 -28.34 5.68 14.97
C ASN B 187 -28.63 7.04 15.59
N ALA B 188 -27.94 7.34 16.68
CA ALA B 188 -28.11 8.61 17.38
C ALA B 188 -26.84 9.45 17.26
N PRO B 189 -26.67 10.11 16.11
CA PRO B 189 -25.47 10.88 15.76
C PRO B 189 -25.17 12.00 16.77
N GLU B 190 -26.20 12.72 17.19
CA GLU B 190 -26.02 13.78 18.19
C GLU B 190 -25.41 13.23 19.48
N GLN B 191 -26.03 12.19 20.02
CA GLN B 191 -25.53 11.53 21.22
C GLN B 191 -24.13 10.99 21.03
N ALA B 192 -23.90 10.37 19.87
CA ALA B 192 -22.58 9.84 19.53
C ALA B 192 -21.54 10.96 19.57
N CYS B 193 -21.79 12.01 18.79
CA CYS B 193 -20.89 13.15 18.76
C CYS B 193 -20.67 13.77 20.14
N HIS B 194 -21.75 13.88 20.92
CA HIS B 194 -21.67 14.50 22.24
C HIS B 194 -20.74 13.72 23.16
N LEU B 195 -20.99 12.43 23.31
CA LEU B 195 -20.18 11.58 24.19
C LEU B 195 -18.71 11.65 23.80
N ALA B 196 -18.43 11.47 22.52
CA ALA B 196 -17.06 11.51 22.02
C ALA B 196 -16.44 12.88 22.26
N LYS B 197 -17.21 13.93 21.99
CA LYS B 197 -16.76 15.30 22.18
C LYS B 197 -16.47 15.57 23.66
N THR B 198 -17.46 15.25 24.51
CA THR B 198 -17.33 15.43 25.95
C THR B 198 -16.11 14.70 26.48
N ALA B 199 -15.94 13.44 26.07
CA ALA B 199 -14.80 12.64 26.50
C ALA B 199 -13.49 13.31 26.13
N PHE B 200 -13.36 13.72 24.88
CA PHE B 200 -12.15 14.36 24.40
C PHE B 200 -11.84 15.64 25.19
N ASP B 201 -12.87 16.45 25.41
CA ASP B 201 -12.72 17.71 26.12
C ASP B 201 -12.23 17.48 27.55
N ASP B 202 -12.81 16.50 28.23
CA ASP B 202 -12.43 16.18 29.60
C ASP B 202 -10.94 15.85 29.70
N ALA B 203 -10.48 14.94 28.86
CA ALA B 203 -9.08 14.57 28.83
C ALA B 203 -8.20 15.78 28.57
N ILE B 204 -8.57 16.56 27.55
CA ILE B 204 -7.87 17.80 27.23
C ILE B 204 -7.78 18.72 28.44
N ALA B 205 -8.92 18.93 29.10
CA ALA B 205 -8.98 19.81 30.26
C ALA B 205 -8.10 19.32 31.40
N GLU B 206 -7.87 18.02 31.45
CA GLU B 206 -7.01 17.43 32.48
C GLU B 206 -5.83 16.70 31.84
N LEU B 207 -5.17 17.37 30.90
CA LEU B 207 -4.07 16.80 30.15
C LEU B 207 -2.88 16.47 31.07
N ASP B 208 -2.89 17.06 32.25
CA ASP B 208 -1.79 16.90 33.20
C ASP B 208 -1.86 15.58 33.95
N THR B 209 -2.98 14.87 33.79
CA THR B 209 -3.20 13.63 34.52
C THR B 209 -2.56 12.42 33.84
N LEU B 210 -2.02 12.62 32.64
CA LEU B 210 -1.36 11.55 31.91
C LEU B 210 -0.22 10.95 32.74
N ASN B 211 0.16 9.73 32.42
CA ASN B 211 1.31 9.09 33.07
C ASN B 211 2.19 8.37 32.06
N GLU B 212 3.43 8.11 32.45
CA GLU B 212 4.38 7.44 31.57
C GLU B 212 3.81 6.17 30.95
N ASP B 213 3.13 5.37 31.77
CA ASP B 213 2.77 4.02 31.36
C ASP B 213 1.80 3.95 30.18
N SER B 214 0.93 4.96 30.04
CA SER B 214 -0.12 4.89 29.04
C SER B 214 -0.44 6.20 28.32
N TYR B 215 0.49 7.15 28.35
CA TYR B 215 0.27 8.43 27.68
C TYR B 215 0.06 8.24 26.18
N LYS B 216 0.80 7.31 25.59
CA LYS B 216 0.66 7.00 24.16
C LYS B 216 -0.74 6.51 23.84
N ASP B 217 -1.28 5.63 24.69
CA ASP B 217 -2.61 5.09 24.51
C ASP B 217 -3.66 6.19 24.58
N SER B 218 -3.56 7.02 25.63
CA SER B 218 -4.50 8.12 25.82
C SER B 218 -4.54 9.05 24.62
N THR B 219 -3.40 9.61 24.26
CA THR B 219 -3.30 10.53 23.12
C THR B 219 -3.84 9.90 21.84
N LEU B 220 -3.55 8.62 21.63
CA LEU B 220 -4.00 7.93 20.43
C LEU B 220 -5.52 7.81 20.39
N ILE B 221 -6.11 7.32 21.47
CA ILE B 221 -7.56 7.20 21.58
C ILE B 221 -8.24 8.56 21.46
N MET B 222 -7.61 9.59 22.02
CA MET B 222 -8.08 10.96 21.88
C MET B 222 -8.11 11.35 20.41
N GLN B 223 -7.07 10.98 19.68
CA GLN B 223 -7.03 11.18 18.24
C GLN B 223 -8.17 10.46 17.54
N LEU B 224 -8.36 9.19 17.89
CA LEU B 224 -9.45 8.40 17.32
C LEU B 224 -10.80 9.05 17.57
N LEU B 225 -10.97 9.61 18.77
CA LEU B 225 -12.20 10.32 19.11
C LEU B 225 -12.41 11.52 18.20
N ARG B 226 -11.41 12.39 18.13
CA ARG B 226 -11.49 13.57 17.28
C ARG B 226 -11.70 13.17 15.82
N ASP B 227 -11.12 12.03 15.43
CA ASP B 227 -11.29 11.50 14.09
C ASP B 227 -12.76 11.20 13.81
N ASN B 228 -13.43 10.59 14.79
CA ASN B 228 -14.85 10.28 14.66
C ASN B 228 -15.71 11.53 14.63
N LEU B 229 -15.39 12.47 15.52
CA LEU B 229 -16.10 13.75 15.58
C LEU B 229 -16.03 14.47 14.23
N THR B 230 -14.94 14.23 13.50
CA THR B 230 -14.76 14.83 12.19
C THR B 230 -15.41 13.96 11.12
N LEU B 231 -15.34 12.65 11.30
CA LEU B 231 -15.89 11.69 10.36
C LEU B 231 -17.42 11.66 10.42
N TRP B 232 -17.97 12.05 11.58
CA TRP B 232 -19.41 12.05 11.79
C TRP B 232 -20.03 13.39 11.39
N THR B 233 -19.28 14.47 11.56
CA THR B 233 -19.79 15.81 11.26
C THR B 233 -19.97 16.03 9.76
N SER B 234 -19.18 15.34 8.95
CA SER B 234 -19.28 15.45 7.50
C SER B 234 -20.34 14.52 6.94
N ASP B 235 -20.41 13.32 7.51
CA ASP B 235 -21.35 12.31 7.04
C ASP B 235 -22.80 12.66 7.37
N GLN B 236 -22.98 13.43 8.44
CA GLN B 236 -24.33 13.85 8.85
C GLN B 236 -24.71 15.17 8.19
N GLN B 237 -23.88 15.63 7.26
CA GLN B 237 -24.12 16.89 6.58
C GLN B 237 -24.29 16.67 5.09
N VAL C 1 28.93 17.41 -24.80
CA VAL C 1 27.51 17.65 -24.99
C VAL C 1 26.96 16.82 -26.15
N ASP C 2 27.41 15.57 -26.24
CA ASP C 2 27.00 14.69 -27.32
C ASP C 2 25.51 14.36 -27.28
N ARG C 3 24.99 13.89 -28.41
CA ARG C 3 23.62 13.40 -28.49
C ARG C 3 23.38 12.32 -27.45
N GLU C 4 24.44 11.58 -27.12
CA GLU C 4 24.34 10.50 -26.15
C GLU C 4 24.28 11.00 -24.72
N GLN C 5 25.04 12.06 -24.43
CA GLN C 5 25.00 12.68 -23.11
C GLN C 5 23.59 13.20 -22.80
N LEU C 6 22.85 13.52 -23.86
CA LEU C 6 21.47 13.98 -23.72
C LEU C 6 20.53 12.82 -23.48
N VAL C 7 20.56 11.84 -24.38
CA VAL C 7 19.72 10.65 -24.26
C VAL C 7 19.97 9.94 -22.94
N GLN C 8 21.23 9.96 -22.52
CA GLN C 8 21.62 9.36 -21.25
C GLN C 8 21.26 10.28 -20.07
N LYS C 9 21.17 11.57 -20.36
CA LYS C 9 20.72 12.53 -19.34
C LYS C 9 19.25 12.31 -19.05
N ALA C 10 18.48 12.01 -20.10
CA ALA C 10 17.06 11.70 -19.94
C ALA C 10 16.87 10.50 -19.03
N ARG C 11 17.54 9.40 -19.35
CA ARG C 11 17.46 8.19 -18.55
C ARG C 11 17.76 8.48 -17.08
N LEU C 12 18.83 9.24 -16.84
CA LEU C 12 19.18 9.65 -15.49
C LEU C 12 18.05 10.43 -14.84
N ALA C 13 17.49 11.38 -15.59
CA ALA C 13 16.39 12.20 -15.09
C ALA C 13 15.16 11.35 -14.79
N GLU C 14 14.90 10.38 -15.66
CA GLU C 14 13.76 9.47 -15.47
C GLU C 14 13.84 8.75 -14.13
N GLN C 15 14.99 8.11 -13.88
CA GLN C 15 15.20 7.39 -12.63
C GLN C 15 15.10 8.30 -11.42
N ALA C 16 15.62 9.52 -11.56
CA ALA C 16 15.58 10.49 -10.47
C ALA C 16 14.19 11.13 -10.36
N GLU C 17 13.30 10.74 -11.26
CA GLU C 17 11.92 11.25 -11.28
C GLU C 17 11.86 12.74 -11.62
N ARG C 18 13.02 13.36 -11.83
CA ARG C 18 13.08 14.75 -12.25
C ARG C 18 12.68 14.84 -13.72
N TYR C 19 11.38 14.86 -13.98
CA TYR C 19 10.85 14.78 -15.34
C TYR C 19 10.99 16.07 -16.13
N ASP C 20 11.23 17.18 -15.44
CA ASP C 20 11.51 18.44 -16.11
C ASP C 20 12.83 18.35 -16.86
N ASP C 21 13.91 18.02 -16.13
CA ASP C 21 15.22 17.84 -16.74
C ASP C 21 15.17 16.82 -17.87
N MET C 22 14.36 15.78 -17.68
CA MET C 22 14.21 14.75 -18.70
C MET C 22 13.52 15.30 -19.95
N ALA C 23 12.57 16.21 -19.74
CA ALA C 23 11.90 16.86 -20.86
C ALA C 23 12.89 17.67 -21.70
N ALA C 24 13.58 18.60 -21.05
CA ALA C 24 14.55 19.45 -21.73
C ALA C 24 15.59 18.63 -22.48
N ALA C 25 16.03 17.53 -21.89
CA ALA C 25 17.03 16.67 -22.50
C ALA C 25 16.56 16.11 -23.85
N MET C 26 15.37 15.50 -23.85
CA MET C 26 14.82 14.90 -25.06
C MET C 26 14.38 15.95 -26.08
N LYS C 27 14.11 17.16 -25.62
CA LYS C 27 13.79 18.26 -26.52
C LYS C 27 15.02 18.60 -27.36
N ASN C 28 16.14 18.83 -26.69
CA ASN C 28 17.39 19.13 -27.37
C ASN C 28 17.76 18.06 -28.39
N VAL C 29 17.59 16.80 -28.01
CA VAL C 29 17.87 15.68 -28.89
C VAL C 29 17.06 15.80 -30.18
N THR C 30 15.78 16.14 -30.04
CA THR C 30 14.91 16.30 -31.19
C THR C 30 15.36 17.49 -32.04
N GLU C 31 15.88 18.52 -31.39
CA GLU C 31 16.31 19.73 -32.07
C GLU C 31 17.59 19.49 -32.86
N LEU C 32 18.06 18.25 -32.88
CA LEU C 32 19.22 17.88 -33.68
C LEU C 32 18.83 17.65 -35.14
N ASN C 33 17.53 17.74 -35.43
CA ASN C 33 17.03 17.45 -36.77
C ASN C 33 17.41 16.07 -37.28
N GLU C 34 17.78 15.19 -36.36
CA GLU C 34 18.06 13.80 -36.69
C GLU C 34 16.83 12.93 -36.42
N PRO C 35 16.58 11.94 -37.29
CA PRO C 35 15.49 11.00 -37.02
C PRO C 35 15.63 10.38 -35.64
N LEU C 36 14.52 10.24 -34.93
CA LEU C 36 14.52 9.71 -33.57
C LEU C 36 14.50 8.19 -33.57
N SER C 37 15.12 7.58 -32.56
CA SER C 37 15.08 6.13 -32.40
C SER C 37 13.95 5.77 -31.46
N ASN C 38 13.63 4.48 -31.39
CA ASN C 38 12.53 4.01 -30.54
C ASN C 38 12.77 4.32 -29.07
N GLU C 39 13.97 4.04 -28.58
CA GLU C 39 14.31 4.29 -27.19
C GLU C 39 14.21 5.78 -26.88
N GLU C 40 14.72 6.60 -27.79
CA GLU C 40 14.61 8.05 -27.66
C GLU C 40 13.15 8.48 -27.79
N ARG C 41 12.47 7.91 -28.77
CA ARG C 41 11.04 8.14 -28.98
C ARG C 41 10.30 7.95 -27.67
N ASN C 42 10.44 6.75 -27.12
CA ASN C 42 9.79 6.39 -25.87
C ASN C 42 10.15 7.33 -24.73
N LEU C 43 11.44 7.68 -24.64
CA LEU C 43 11.91 8.63 -23.62
C LEU C 43 11.22 9.98 -23.76
N LEU C 44 10.97 10.38 -25.01
CA LEU C 44 10.31 11.65 -25.28
C LEU C 44 8.89 11.65 -24.73
N SER C 45 8.09 10.68 -25.17
CA SER C 45 6.71 10.54 -24.72
C SER C 45 6.64 10.42 -23.20
N VAL C 46 7.45 9.54 -22.64
CA VAL C 46 7.50 9.34 -21.20
C VAL C 46 7.87 10.62 -20.46
N ALA C 47 8.85 11.36 -21.00
CA ALA C 47 9.31 12.59 -20.38
C ALA C 47 8.18 13.60 -20.24
N TYR C 48 7.54 13.94 -21.35
CA TYR C 48 6.50 14.97 -21.36
C TYR C 48 5.16 14.50 -20.79
N LYS C 49 4.77 13.26 -21.07
CA LYS C 49 3.52 12.74 -20.52
C LYS C 49 3.52 12.83 -19.01
N ASN C 50 4.70 12.68 -18.41
CA ASN C 50 4.84 12.80 -16.96
C ASN C 50 4.86 14.26 -16.48
N VAL C 51 5.39 15.15 -17.32
CA VAL C 51 5.41 16.58 -17.01
C VAL C 51 4.00 17.16 -17.09
N VAL C 52 3.30 16.87 -18.18
CA VAL C 52 1.92 17.30 -18.35
C VAL C 52 1.03 16.60 -17.32
N GLY C 53 1.42 15.38 -16.94
CA GLY C 53 0.69 14.62 -15.94
C GLY C 53 0.77 15.29 -14.58
N ALA C 54 1.98 15.70 -14.20
CA ALA C 54 2.19 16.42 -12.96
C ALA C 54 1.42 17.74 -12.94
N ARG C 55 1.27 18.36 -14.12
CA ARG C 55 0.49 19.59 -14.26
C ARG C 55 -0.99 19.34 -13.97
N GLU C 56 -1.59 18.41 -14.72
CA GLU C 56 -3.00 18.08 -14.53
C GLU C 56 -3.29 17.78 -13.07
N SER C 57 -2.42 16.99 -12.44
CA SER C 57 -2.56 16.68 -11.03
C SER C 57 -2.74 17.96 -10.21
N SER C 58 -1.73 18.83 -10.24
CA SER C 58 -1.79 20.09 -9.51
C SER C 58 -2.99 20.93 -9.96
N TRP C 59 -3.18 21.04 -11.27
CA TRP C 59 -4.31 21.79 -11.79
C TRP C 59 -5.62 21.26 -11.24
N ARG C 60 -5.98 20.04 -11.64
CA ARG C 60 -7.21 19.41 -11.17
C ARG C 60 -7.41 19.53 -9.67
N VAL C 61 -6.31 19.58 -8.92
CA VAL C 61 -6.38 19.78 -7.48
C VAL C 61 -6.82 21.21 -7.14
N ILE C 62 -6.05 22.19 -7.61
CA ILE C 62 -6.34 23.60 -7.33
C ILE C 62 -7.57 24.08 -8.08
N SER C 63 -7.73 23.60 -9.31
CA SER C 63 -8.91 23.91 -10.11
C SER C 63 -10.16 23.42 -9.39
N SER C 64 -9.98 22.49 -8.45
CA SER C 64 -11.08 21.95 -7.67
C SER C 64 -11.22 22.72 -6.35
N ILE C 65 -10.09 23.03 -5.73
CA ILE C 65 -10.09 23.86 -4.53
C ILE C 65 -10.65 25.24 -4.84
N GLU C 66 -10.42 25.70 -6.06
CA GLU C 66 -10.95 26.99 -6.52
C GLU C 66 -12.46 27.05 -6.35
N GLN C 67 -13.11 25.90 -6.45
CA GLN C 67 -14.56 25.82 -6.33
C GLN C 67 -14.99 25.84 -4.87
N LYS C 68 -14.40 24.95 -4.07
CA LYS C 68 -14.74 24.84 -2.65
C LYS C 68 -14.61 26.18 -1.95
N THR C 69 -13.68 27.01 -2.39
CA THR C 69 -13.47 28.33 -1.80
C THR C 69 -14.42 29.36 -2.40
N SER C 70 -14.82 29.14 -3.64
CA SER C 70 -15.75 30.04 -4.32
C SER C 70 -17.18 29.85 -3.82
N ALA C 71 -17.52 28.59 -3.55
CA ALA C 71 -18.87 28.25 -3.09
C ALA C 71 -19.16 28.85 -1.71
N ASP C 72 -18.09 29.15 -0.97
CA ASP C 72 -18.22 29.76 0.35
C ASP C 72 -18.32 31.27 0.26
N GLY C 73 -18.05 31.82 -0.92
CA GLY C 73 -18.17 33.24 -1.14
C GLY C 73 -17.00 34.04 -0.61
N ASN C 74 -16.08 33.37 0.07
CA ASN C 74 -14.88 34.02 0.59
C ASN C 74 -14.11 34.69 -0.55
N GLU C 75 -14.09 36.02 -0.53
CA GLU C 75 -13.51 36.78 -1.64
C GLU C 75 -12.04 37.13 -1.43
N LYS C 76 -11.58 37.07 -0.18
CA LYS C 76 -10.19 37.39 0.13
C LYS C 76 -9.26 36.23 -0.22
N LYS C 77 -9.79 35.23 -0.94
CA LYS C 77 -9.01 34.06 -1.30
C LYS C 77 -9.23 33.59 -2.74
N ILE C 78 -10.43 33.83 -3.26
CA ILE C 78 -10.75 33.45 -4.63
C ILE C 78 -9.81 34.11 -5.63
N GLU C 79 -9.44 35.36 -5.34
CA GLU C 79 -8.52 36.10 -6.20
C GLU C 79 -7.19 35.36 -6.34
N MET C 80 -6.57 35.03 -5.21
CA MET C 80 -5.33 34.27 -5.19
C MET C 80 -5.51 32.91 -5.87
N VAL C 81 -6.41 32.10 -5.31
CA VAL C 81 -6.64 30.74 -5.80
C VAL C 81 -6.83 30.71 -7.32
N ARG C 82 -7.65 31.61 -7.85
CA ARG C 82 -7.90 31.67 -9.29
C ARG C 82 -6.62 31.96 -10.07
N ALA C 83 -5.73 32.77 -9.48
CA ALA C 83 -4.47 33.11 -10.12
C ALA C 83 -3.58 31.87 -10.32
N TYR C 84 -3.35 31.15 -9.23
CA TYR C 84 -2.49 29.97 -9.26
C TYR C 84 -2.99 28.96 -10.29
N ARG C 85 -4.31 28.73 -10.31
CA ARG C 85 -4.91 27.80 -11.24
C ARG C 85 -4.65 28.23 -12.68
N GLU C 86 -4.78 29.53 -12.94
CA GLU C 86 -4.47 30.08 -14.25
C GLU C 86 -2.98 29.94 -14.53
N LYS C 87 -2.17 30.02 -13.48
CA LYS C 87 -0.74 29.83 -13.60
C LYS C 87 -0.41 28.42 -14.08
N ILE C 88 -1.07 27.42 -13.50
CA ILE C 88 -0.85 26.03 -13.87
C ILE C 88 -1.30 25.78 -15.30
N GLU C 89 -2.47 26.29 -15.66
CA GLU C 89 -2.97 26.18 -17.02
C GLU C 89 -1.98 26.80 -17.99
N LYS C 90 -1.30 27.86 -17.55
CA LYS C 90 -0.24 28.47 -18.34
C LYS C 90 0.90 27.50 -18.57
N GLU C 91 1.43 26.94 -17.49
CA GLU C 91 2.53 25.99 -17.56
C GLU C 91 2.13 24.73 -18.32
N LEU C 92 0.95 24.19 -18.00
CA LEU C 92 0.46 22.97 -18.62
C LEU C 92 0.33 23.14 -20.13
N GLU C 93 -0.41 24.17 -20.56
CA GLU C 93 -0.61 24.43 -21.97
C GLU C 93 0.71 24.65 -22.71
N ALA C 94 1.66 25.29 -22.02
CA ALA C 94 2.98 25.54 -22.60
C ALA C 94 3.69 24.23 -22.92
N VAL C 95 3.75 23.33 -21.95
CA VAL C 95 4.39 22.03 -22.13
C VAL C 95 3.80 21.30 -23.33
N CYS C 96 2.47 21.21 -23.35
CA CYS C 96 1.76 20.53 -24.44
C CYS C 96 2.09 21.17 -25.79
N GLN C 97 1.93 22.49 -25.86
CA GLN C 97 2.22 23.22 -27.09
C GLN C 97 3.68 23.01 -27.48
N ASP C 98 4.57 23.01 -26.49
CA ASP C 98 5.99 22.79 -26.70
C ASP C 98 6.23 21.43 -27.36
N VAL C 99 5.55 20.41 -26.84
CA VAL C 99 5.62 19.08 -27.41
C VAL C 99 5.08 19.07 -28.84
N LEU C 100 3.96 19.76 -29.02
CA LEU C 100 3.31 19.84 -30.33
C LEU C 100 4.25 20.47 -31.37
N SER C 101 5.04 21.45 -30.94
CA SER C 101 6.02 22.07 -31.80
C SER C 101 6.95 21.02 -32.39
N LEU C 102 7.57 20.25 -31.52
CA LEU C 102 8.50 19.20 -31.91
C LEU C 102 7.87 18.24 -32.92
N LEU C 103 6.65 17.81 -32.61
CA LEU C 103 5.92 16.90 -33.48
C LEU C 103 5.69 17.53 -34.86
N ASP C 104 5.03 18.68 -34.88
CA ASP C 104 4.65 19.33 -36.12
C ASP C 104 5.82 19.81 -36.96
N ASN C 105 6.93 20.16 -36.31
CA ASN C 105 8.07 20.76 -37.00
C ASN C 105 9.23 19.81 -37.27
N TYR C 106 9.48 18.89 -36.35
CA TYR C 106 10.58 17.95 -36.49
C TYR C 106 10.10 16.54 -36.80
N LEU C 107 9.52 15.89 -35.79
CA LEU C 107 9.19 14.48 -35.85
C LEU C 107 8.25 14.12 -37.01
N ILE C 108 7.05 14.68 -37.00
CA ILE C 108 6.06 14.36 -38.01
C ILE C 108 6.47 14.87 -39.40
N LYS C 109 7.04 16.08 -39.43
CA LYS C 109 7.46 16.69 -40.68
C LYS C 109 8.48 15.84 -41.44
N ASN C 110 9.69 15.76 -40.89
CA ASN C 110 10.79 15.07 -41.55
C ASN C 110 10.45 13.64 -41.96
N CYS C 111 9.55 13.00 -41.21
CA CYS C 111 9.13 11.65 -41.51
C CYS C 111 8.57 11.53 -42.92
N SER C 112 9.10 10.59 -43.70
CA SER C 112 8.68 10.39 -45.08
C SER C 112 7.45 9.49 -45.15
N GLU C 113 7.08 9.11 -46.36
CA GLU C 113 5.93 8.22 -46.57
C GLU C 113 6.29 6.78 -46.24
N THR C 114 7.56 6.55 -45.92
CA THR C 114 8.04 5.20 -45.64
C THR C 114 8.50 5.03 -44.19
N GLN C 115 7.78 5.66 -43.28
CA GLN C 115 8.07 5.54 -41.85
C GLN C 115 6.78 5.51 -41.05
N TYR C 116 5.90 4.58 -41.39
CA TYR C 116 4.57 4.52 -40.80
C TYR C 116 4.59 4.41 -39.28
N GLU C 117 5.34 3.44 -38.76
CA GLU C 117 5.44 3.22 -37.32
C GLU C 117 5.71 4.53 -36.58
N SER C 118 6.66 5.30 -37.09
CA SER C 118 7.01 6.58 -36.49
C SER C 118 5.86 7.56 -36.61
N LYS C 119 5.27 7.64 -37.81
CA LYS C 119 4.19 8.58 -38.07
C LYS C 119 3.00 8.36 -37.14
N VAL C 120 2.47 7.14 -37.15
CA VAL C 120 1.34 6.80 -36.29
C VAL C 120 1.62 7.15 -34.84
N PHE C 121 2.81 6.80 -34.37
CA PHE C 121 3.21 7.09 -33.00
C PHE C 121 3.12 8.58 -32.71
N TYR C 122 3.83 9.37 -33.50
CA TYR C 122 3.86 10.82 -33.32
C TYR C 122 2.48 11.44 -33.53
N LEU C 123 1.77 10.99 -34.56
CA LEU C 123 0.40 11.44 -34.80
C LEU C 123 -0.48 11.14 -33.59
N LYS C 124 -0.20 10.00 -32.96
CA LYS C 124 -0.90 9.62 -31.74
C LYS C 124 -0.53 10.58 -30.61
N MET C 125 0.74 10.96 -30.53
CA MET C 125 1.19 11.96 -29.57
C MET C 125 0.48 13.30 -29.82
N LYS C 126 0.45 13.71 -31.08
CA LYS C 126 -0.21 14.94 -31.48
C LYS C 126 -1.65 14.93 -30.98
N GLY C 127 -2.39 13.90 -31.36
CA GLY C 127 -3.76 13.74 -30.90
C GLY C 127 -3.83 13.69 -29.40
N ASP C 128 -2.85 13.04 -28.79
CA ASP C 128 -2.80 12.93 -27.33
C ASP C 128 -2.69 14.30 -26.65
N TYR C 129 -1.65 15.05 -27.00
CA TYR C 129 -1.38 16.31 -26.32
C TYR C 129 -2.40 17.41 -26.60
N TYR C 130 -3.15 17.24 -27.68
CA TYR C 130 -4.29 18.10 -27.93
C TYR C 130 -5.40 17.76 -26.95
N ARG C 131 -5.57 16.47 -26.69
CA ARG C 131 -6.54 16.00 -25.71
C ARG C 131 -6.26 16.61 -24.33
N TYR C 132 -4.99 16.58 -23.92
CA TYR C 132 -4.57 17.17 -22.66
C TYR C 132 -4.86 18.68 -22.65
N LEU C 133 -4.79 19.29 -23.82
CA LEU C 133 -5.14 20.70 -23.96
C LEU C 133 -6.64 20.91 -23.76
N ALA C 134 -7.43 20.04 -24.37
CA ALA C 134 -8.88 20.14 -24.29
C ALA C 134 -9.39 20.03 -22.85
N GLU C 135 -8.66 19.29 -22.03
CA GLU C 135 -9.09 19.02 -20.66
C GLU C 135 -9.14 20.28 -19.79
N VAL C 136 -8.37 21.29 -20.16
CA VAL C 136 -8.33 22.54 -19.40
C VAL C 136 -8.92 23.71 -20.18
N ALA C 137 -9.39 23.44 -21.40
CA ALA C 137 -9.91 24.50 -22.25
C ALA C 137 -11.43 24.53 -22.28
N THR C 138 -11.97 25.55 -22.94
CA THR C 138 -13.42 25.70 -23.09
C THR C 138 -13.72 26.57 -24.31
N GLY C 139 -14.98 26.56 -24.75
CA GLY C 139 -15.41 27.38 -25.86
C GLY C 139 -14.53 27.31 -27.08
N GLU C 140 -14.14 28.47 -27.60
CA GLU C 140 -13.34 28.55 -28.81
C GLU C 140 -12.06 27.73 -28.75
N LYS C 141 -11.31 27.87 -27.66
CA LYS C 141 -10.04 27.18 -27.52
C LYS C 141 -10.24 25.67 -27.50
N ARG C 142 -11.06 25.19 -26.56
CA ARG C 142 -11.36 23.77 -26.45
C ARG C 142 -11.93 23.22 -27.76
N ALA C 143 -12.56 24.10 -28.53
CA ALA C 143 -13.15 23.70 -29.80
C ALA C 143 -12.08 23.31 -30.81
N THR C 144 -11.21 24.25 -31.14
CA THR C 144 -10.20 24.04 -32.17
C THR C 144 -9.26 22.88 -31.84
N VAL C 145 -8.82 22.81 -30.59
CA VAL C 145 -7.91 21.74 -30.16
C VAL C 145 -8.53 20.36 -30.36
N VAL C 146 -9.71 20.15 -29.78
CA VAL C 146 -10.43 18.89 -29.94
C VAL C 146 -10.55 18.52 -31.42
N GLU C 147 -10.75 19.54 -32.25
CA GLU C 147 -10.84 19.36 -33.69
C GLU C 147 -9.53 18.85 -34.26
N SER C 148 -8.42 19.35 -33.72
CA SER C 148 -7.09 18.92 -34.16
C SER C 148 -6.76 17.52 -33.64
N SER C 149 -7.06 17.28 -32.38
CA SER C 149 -6.84 15.96 -31.79
C SER C 149 -7.54 14.89 -32.62
N GLU C 150 -8.79 15.15 -32.97
CA GLU C 150 -9.58 14.26 -33.81
C GLU C 150 -8.89 14.00 -35.15
N LYS C 151 -8.45 15.06 -35.81
CA LYS C 151 -7.81 14.93 -37.12
C LYS C 151 -6.50 14.15 -37.01
N ALA C 152 -5.76 14.38 -35.93
CA ALA C 152 -4.53 13.63 -35.66
C ALA C 152 -4.84 12.15 -35.49
N TYR C 153 -5.63 11.83 -34.45
CA TYR C 153 -6.06 10.47 -34.20
C TYR C 153 -6.66 9.82 -35.45
N SER C 154 -7.45 10.59 -36.19
CA SER C 154 -8.11 10.08 -37.38
C SER C 154 -7.09 9.75 -38.47
N GLU C 155 -6.05 10.58 -38.56
CA GLU C 155 -4.98 10.35 -39.52
C GLU C 155 -4.14 9.16 -39.09
N ALA C 156 -3.85 9.08 -37.80
CA ALA C 156 -3.10 7.96 -37.25
C ALA C 156 -3.84 6.65 -37.47
N HIS C 157 -5.09 6.59 -37.04
CA HIS C 157 -5.92 5.41 -37.21
C HIS C 157 -5.95 4.99 -38.68
N GLU C 158 -5.95 5.99 -39.57
CA GLU C 158 -5.92 5.72 -41.00
C GLU C 158 -4.65 5.00 -41.42
N ILE C 159 -3.51 5.54 -41.03
CA ILE C 159 -2.23 4.93 -41.36
C ILE C 159 -2.14 3.50 -40.82
N SER C 160 -2.34 3.37 -39.51
CA SER C 160 -2.25 2.07 -38.86
C SER C 160 -3.18 1.03 -39.49
N LYS C 161 -4.44 1.41 -39.68
CA LYS C 161 -5.46 0.52 -40.23
C LYS C 161 -5.08 -0.04 -41.60
N GLU C 162 -3.96 0.39 -42.14
CA GLU C 162 -3.56 -0.04 -43.48
C GLU C 162 -2.16 -0.65 -43.56
N HIS C 163 -1.23 -0.12 -42.78
CA HIS C 163 0.16 -0.57 -42.86
C HIS C 163 0.62 -1.30 -41.60
N MET C 164 -0.23 -1.36 -40.59
CA MET C 164 0.14 -1.97 -39.32
C MET C 164 -0.76 -3.15 -38.94
N GLN C 165 -0.19 -4.11 -38.22
CA GLN C 165 -0.92 -5.27 -37.73
C GLN C 165 -1.89 -4.85 -36.63
N PRO C 166 -3.07 -5.50 -36.59
CA PRO C 166 -4.03 -5.23 -35.51
C PRO C 166 -3.42 -5.50 -34.14
N THR C 167 -2.32 -6.25 -34.13
CA THR C 167 -1.65 -6.58 -32.88
C THR C 167 -0.48 -5.64 -32.58
N HIS C 168 -0.03 -4.90 -33.60
CA HIS C 168 1.06 -3.94 -33.42
C HIS C 168 0.74 -3.03 -32.23
N PRO C 169 1.66 -2.95 -31.26
CA PRO C 169 1.45 -2.21 -30.01
C PRO C 169 1.18 -0.73 -30.25
N ILE C 170 1.72 -0.17 -31.33
CA ILE C 170 1.47 1.22 -31.65
C ILE C 170 0.02 1.42 -32.11
N ARG C 171 -0.44 0.54 -33.00
CA ARG C 171 -1.82 0.59 -33.47
C ARG C 171 -2.80 0.33 -32.33
N LEU C 172 -2.39 -0.49 -31.37
CA LEU C 172 -3.21 -0.78 -30.19
C LEU C 172 -3.21 0.40 -29.23
N GLY C 173 -2.03 0.91 -28.90
CA GLY C 173 -1.90 2.07 -28.05
C GLY C 173 -2.70 3.24 -28.60
N LEU C 174 -2.68 3.40 -29.92
CA LEU C 174 -3.49 4.40 -30.60
C LEU C 174 -4.97 4.18 -30.32
N ALA C 175 -5.50 3.06 -30.82
CA ALA C 175 -6.90 2.70 -30.64
C ALA C 175 -7.36 2.97 -29.20
N LEU C 176 -6.51 2.61 -28.25
CA LEU C 176 -6.77 2.86 -26.84
C LEU C 176 -6.96 4.36 -26.58
N ASN C 177 -5.93 5.14 -26.86
CA ASN C 177 -5.99 6.59 -26.65
C ASN C 177 -7.07 7.25 -27.51
N TYR C 178 -7.35 6.67 -28.66
CA TYR C 178 -8.38 7.20 -29.56
C TYR C 178 -9.76 6.97 -28.95
N SER C 179 -10.02 5.74 -28.53
CA SER C 179 -11.28 5.41 -27.87
C SER C 179 -11.48 6.24 -26.60
N VAL C 180 -10.38 6.47 -25.88
CA VAL C 180 -10.41 7.31 -24.69
C VAL C 180 -10.82 8.74 -25.06
N PHE C 181 -10.40 9.18 -26.24
CA PHE C 181 -10.78 10.48 -26.75
C PHE C 181 -12.26 10.53 -27.12
N TYR C 182 -12.85 9.34 -27.30
CA TYR C 182 -14.27 9.24 -27.63
C TYR C 182 -15.14 9.15 -26.38
N TYR C 183 -14.54 8.86 -25.24
CA TYR C 183 -15.29 8.67 -24.01
C TYR C 183 -15.06 9.81 -23.02
N GLU C 184 -13.88 10.43 -23.08
CA GLU C 184 -13.51 11.45 -22.11
C GLU C 184 -13.73 12.87 -22.65
N ILE C 185 -13.85 13.01 -23.96
CA ILE C 185 -13.94 14.33 -24.58
C ILE C 185 -15.14 14.49 -25.51
N GLN C 186 -15.27 13.58 -26.47
CA GLN C 186 -16.40 13.62 -27.41
C GLN C 186 -17.67 13.13 -26.74
N ASN C 187 -17.52 12.58 -25.54
CA ASN C 187 -18.64 11.98 -24.81
C ASN C 187 -19.54 11.18 -25.74
N ALA C 188 -18.94 10.29 -26.52
CA ALA C 188 -19.68 9.42 -27.43
C ALA C 188 -19.26 7.97 -27.23
N PRO C 189 -19.66 7.38 -26.08
CA PRO C 189 -19.26 6.03 -25.67
C PRO C 189 -19.58 4.95 -26.71
N GLU C 190 -20.49 5.25 -27.64
CA GLU C 190 -20.85 4.28 -28.68
C GLU C 190 -19.68 4.04 -29.64
N GLN C 191 -19.07 5.11 -30.12
CA GLN C 191 -17.89 5.01 -30.97
C GLN C 191 -16.69 4.52 -30.16
N ALA C 192 -16.56 5.05 -28.94
CA ALA C 192 -15.48 4.64 -28.04
C ALA C 192 -15.42 3.13 -27.91
N CYS C 193 -16.44 2.56 -27.27
CA CYS C 193 -16.51 1.11 -27.09
C CYS C 193 -16.35 0.37 -28.41
N HIS C 194 -16.95 0.89 -29.47
CA HIS C 194 -16.89 0.24 -30.78
C HIS C 194 -15.45 0.12 -31.29
N LEU C 195 -14.68 1.19 -31.12
CA LEU C 195 -13.29 1.20 -31.55
C LEU C 195 -12.44 0.30 -30.66
N ALA C 196 -12.57 0.48 -29.35
CA ALA C 196 -11.84 -0.35 -28.39
C ALA C 196 -12.13 -1.82 -28.63
N LYS C 197 -13.42 -2.14 -28.82
CA LYS C 197 -13.84 -3.50 -29.08
C LYS C 197 -13.32 -4.00 -30.43
N THR C 198 -13.43 -3.16 -31.45
CA THR C 198 -12.91 -3.48 -32.76
C THR C 198 -11.41 -3.77 -32.71
N ALA C 199 -10.66 -2.87 -32.09
CA ALA C 199 -9.22 -3.03 -31.95
C ALA C 199 -8.88 -4.31 -31.21
N PHE C 200 -9.68 -4.64 -30.20
CA PHE C 200 -9.47 -5.85 -29.41
C PHE C 200 -9.76 -7.10 -30.24
N ASP C 201 -10.91 -7.10 -30.92
CA ASP C 201 -11.33 -8.23 -31.74
C ASP C 201 -10.38 -8.46 -32.92
N ASP C 202 -9.87 -7.37 -33.48
CA ASP C 202 -8.90 -7.44 -34.57
C ASP C 202 -7.60 -8.08 -34.11
N ALA C 203 -7.09 -7.61 -32.97
CA ALA C 203 -5.88 -8.18 -32.38
C ALA C 203 -6.08 -9.65 -32.05
N ILE C 204 -7.16 -9.96 -31.35
CA ILE C 204 -7.50 -11.32 -30.99
C ILE C 204 -7.62 -12.21 -32.23
N ALA C 205 -8.31 -11.72 -33.24
CA ALA C 205 -8.51 -12.49 -34.47
C ALA C 205 -7.17 -12.90 -35.09
N GLU C 206 -6.27 -11.94 -35.24
CA GLU C 206 -4.96 -12.20 -35.80
C GLU C 206 -3.93 -12.37 -34.68
N LEU C 207 -4.32 -13.11 -33.64
CA LEU C 207 -3.48 -13.34 -32.47
C LEU C 207 -2.20 -14.08 -32.83
N ASP C 208 -2.16 -14.62 -34.04
CA ASP C 208 -0.99 -15.36 -34.52
C ASP C 208 0.09 -14.43 -35.05
N THR C 209 -0.23 -13.14 -35.12
CA THR C 209 0.69 -12.16 -35.70
C THR C 209 1.59 -11.51 -34.65
N LEU C 210 1.53 -12.02 -33.42
CA LEU C 210 2.36 -11.49 -32.34
C LEU C 210 3.84 -11.75 -32.59
N ASN C 211 4.66 -10.74 -32.32
CA ASN C 211 6.11 -10.88 -32.49
C ASN C 211 6.83 -10.98 -31.15
N GLU C 212 8.08 -11.43 -31.20
CA GLU C 212 8.87 -11.63 -29.98
C GLU C 212 9.08 -10.32 -29.22
N ASP C 213 9.65 -9.33 -29.90
CA ASP C 213 10.10 -8.10 -29.25
C ASP C 213 9.00 -7.31 -28.54
N SER C 214 7.74 -7.54 -28.91
CA SER C 214 6.65 -6.78 -28.34
C SER C 214 5.34 -7.55 -28.21
N TYR C 215 5.40 -8.72 -27.59
CA TYR C 215 4.20 -9.50 -27.30
C TYR C 215 3.60 -8.99 -25.99
N LYS C 216 4.47 -8.59 -25.07
CA LYS C 216 4.06 -8.13 -23.76
C LYS C 216 3.36 -6.77 -23.85
N ASP C 217 3.78 -5.95 -24.81
CA ASP C 217 3.16 -4.65 -25.02
C ASP C 217 1.76 -4.82 -25.62
N SER C 218 1.66 -5.70 -26.62
CA SER C 218 0.40 -5.94 -27.32
C SER C 218 -0.67 -6.50 -26.39
N THR C 219 -0.30 -7.53 -25.63
CA THR C 219 -1.24 -8.17 -24.71
C THR C 219 -1.66 -7.21 -23.60
N LEU C 220 -0.73 -6.38 -23.15
CA LEU C 220 -1.01 -5.43 -22.08
C LEU C 220 -2.01 -4.38 -22.55
N ILE C 221 -1.80 -3.86 -23.77
CA ILE C 221 -2.73 -2.89 -24.34
C ILE C 221 -4.09 -3.53 -24.62
N MET C 222 -4.07 -4.73 -25.19
CA MET C 222 -5.31 -5.48 -25.41
C MET C 222 -6.08 -5.59 -24.10
N GLN C 223 -5.37 -5.85 -23.01
CA GLN C 223 -5.99 -5.95 -21.69
C GLN C 223 -6.45 -4.59 -21.18
N LEU C 224 -5.65 -3.55 -21.41
CA LEU C 224 -6.03 -2.19 -21.08
C LEU C 224 -7.33 -1.82 -21.79
N LEU C 225 -7.45 -2.24 -23.04
CA LEU C 225 -8.69 -2.04 -23.80
C LEU C 225 -9.83 -2.80 -23.15
N ARG C 226 -9.59 -4.06 -22.83
CA ARG C 226 -10.60 -4.94 -22.25
C ARG C 226 -11.13 -4.37 -20.94
N ASP C 227 -10.25 -3.71 -20.20
CA ASP C 227 -10.63 -3.06 -18.95
C ASP C 227 -11.59 -1.90 -19.21
N ASN C 228 -11.13 -0.94 -20.01
CA ASN C 228 -11.97 0.20 -20.39
C ASN C 228 -13.32 -0.24 -20.94
N LEU C 229 -13.30 -1.31 -21.72
CA LEU C 229 -14.53 -1.88 -22.27
C LEU C 229 -15.49 -2.29 -21.15
N THR C 230 -14.98 -3.03 -20.18
CA THR C 230 -15.77 -3.48 -19.04
C THR C 230 -16.04 -2.32 -18.09
N LEU C 231 -15.21 -1.28 -18.16
CA LEU C 231 -15.34 -0.12 -17.30
C LEU C 231 -16.37 0.86 -17.84
N TRP C 232 -16.37 1.06 -19.15
CA TRP C 232 -17.30 1.98 -19.79
C TRP C 232 -18.73 1.44 -19.80
N THR C 233 -18.85 0.13 -20.06
CA THR C 233 -20.16 -0.50 -20.11
C THR C 233 -20.79 -0.64 -18.73
N SER C 234 -19.99 -0.36 -17.70
CA SER C 234 -20.48 -0.44 -16.33
C SER C 234 -20.62 0.95 -15.71
N ASP C 235 -19.64 1.81 -15.98
CA ASP C 235 -19.64 3.17 -15.46
C ASP C 235 -20.94 3.89 -15.82
N GLN C 236 -21.31 3.78 -17.10
CA GLN C 236 -22.54 4.38 -17.59
C GLN C 236 -23.67 3.36 -17.54
N GLN C 237 -23.74 2.59 -16.47
CA GLN C 237 -24.75 1.56 -16.31
C GLN C 237 -25.26 1.53 -14.87
N VAL D 1 -1.11 41.76 -4.11
CA VAL D 1 -0.40 40.63 -3.54
C VAL D 1 0.24 40.99 -2.20
N ASP D 2 -0.53 40.87 -1.12
CA ASP D 2 -0.06 41.25 0.20
C ASP D 2 0.53 40.06 0.96
N ARG D 3 0.99 40.33 2.18
CA ARG D 3 1.57 39.30 3.03
C ARG D 3 0.66 38.09 3.16
N GLU D 4 -0.64 38.35 3.29
CA GLU D 4 -1.62 37.28 3.47
C GLU D 4 -1.92 36.56 2.16
N GLN D 5 -1.81 37.28 1.05
CA GLN D 5 -2.04 36.69 -0.26
C GLN D 5 -0.88 35.74 -0.60
N LEU D 6 0.30 36.05 -0.06
CA LEU D 6 1.47 35.19 -0.23
C LEU D 6 1.32 33.91 0.59
N VAL D 7 0.93 34.07 1.85
CA VAL D 7 0.74 32.93 2.75
C VAL D 7 -0.32 31.99 2.20
N GLN D 8 -1.30 32.54 1.51
CA GLN D 8 -2.37 31.76 0.91
C GLN D 8 -1.89 31.04 -0.36
N LYS D 9 -0.83 31.57 -0.96
CA LYS D 9 -0.22 30.91 -2.11
C LYS D 9 0.62 29.74 -1.64
N ALA D 10 1.29 29.91 -0.51
CA ALA D 10 2.08 28.84 0.10
C ALA D 10 1.19 27.68 0.50
N ARG D 11 0.29 27.93 1.45
CA ARG D 11 -0.67 26.91 1.87
C ARG D 11 -1.27 26.22 0.65
N LEU D 12 -1.49 27.00 -0.40
CA LEU D 12 -2.08 26.49 -1.64
C LEU D 12 -1.11 25.54 -2.35
N ALA D 13 0.06 26.06 -2.70
CA ALA D 13 1.08 25.29 -3.40
C ALA D 13 1.42 24.02 -2.63
N GLU D 14 1.39 24.11 -1.31
CA GLU D 14 1.62 22.97 -0.43
C GLU D 14 0.74 21.79 -0.82
N GLN D 15 -0.56 22.07 -0.95
CA GLN D 15 -1.54 21.04 -1.27
C GLN D 15 -1.39 20.52 -2.69
N ALA D 16 -0.89 21.37 -3.58
CA ALA D 16 -0.69 20.99 -4.97
C ALA D 16 0.57 20.16 -5.15
N GLU D 17 1.32 19.98 -4.06
CA GLU D 17 2.59 19.28 -4.10
C GLU D 17 3.59 20.00 -5.00
N ARG D 18 3.51 21.33 -5.02
CA ARG D 18 4.48 22.16 -5.73
C ARG D 18 5.25 23.01 -4.73
N TYR D 19 6.25 22.40 -4.11
CA TYR D 19 6.94 22.99 -2.96
C TYR D 19 7.93 24.08 -3.33
N ASP D 20 8.41 24.06 -4.58
CA ASP D 20 9.22 25.15 -5.10
C ASP D 20 8.43 26.44 -5.02
N ASP D 21 7.31 26.48 -5.74
CA ASP D 21 6.40 27.63 -5.70
C ASP D 21 6.08 27.99 -4.26
N MET D 22 5.87 26.97 -3.42
CA MET D 22 5.54 27.20 -2.02
C MET D 22 6.72 27.80 -1.27
N ALA D 23 7.93 27.45 -1.68
CA ALA D 23 9.14 28.00 -1.08
C ALA D 23 9.28 29.47 -1.42
N ALA D 24 9.12 29.78 -2.71
CA ALA D 24 9.21 31.16 -3.17
C ALA D 24 8.23 32.07 -2.43
N ALA D 25 7.01 31.59 -2.28
CA ALA D 25 5.97 32.35 -1.59
C ALA D 25 6.40 32.73 -0.17
N MET D 26 6.91 31.74 0.56
CA MET D 26 7.35 31.96 1.94
C MET D 26 8.63 32.79 2.01
N LYS D 27 9.48 32.64 1.00
CA LYS D 27 10.68 33.47 0.89
C LYS D 27 10.30 34.94 0.83
N ASN D 28 9.32 35.26 -0.02
CA ASN D 28 8.85 36.63 -0.15
C ASN D 28 8.24 37.17 1.13
N VAL D 29 7.38 36.37 1.77
CA VAL D 29 6.78 36.76 3.04
C VAL D 29 7.86 37.17 4.03
N THR D 30 8.90 36.36 4.13
CA THR D 30 10.02 36.67 5.00
C THR D 30 10.72 37.94 4.50
N GLU D 31 10.83 38.06 3.18
CA GLU D 31 11.48 39.22 2.57
C GLU D 31 10.67 40.50 2.71
N LEU D 32 9.57 40.43 3.46
CA LEU D 32 8.82 41.64 3.82
C LEU D 32 9.43 42.26 5.07
N ASN D 33 10.55 41.71 5.52
CA ASN D 33 11.28 42.22 6.69
C ASN D 33 10.37 42.39 7.90
N GLU D 34 9.41 41.48 8.04
CA GLU D 34 8.47 41.51 9.15
C GLU D 34 8.48 40.18 9.89
N PRO D 35 8.40 40.22 11.22
CA PRO D 35 8.41 38.99 12.03
C PRO D 35 7.36 37.98 11.58
N LEU D 36 7.75 36.71 11.51
CA LEU D 36 6.84 35.65 11.09
C LEU D 36 5.94 35.20 12.23
N SER D 37 4.83 34.57 11.88
CA SER D 37 3.92 33.98 12.86
C SER D 37 4.07 32.47 12.82
N ASN D 38 3.79 31.81 13.94
CA ASN D 38 3.93 30.36 14.04
C ASN D 38 3.40 29.61 12.82
N GLU D 39 2.33 30.14 12.22
CA GLU D 39 1.72 29.52 11.04
C GLU D 39 2.58 29.72 9.80
N GLU D 40 3.03 30.94 9.57
CA GLU D 40 3.97 31.24 8.49
C GLU D 40 5.31 30.58 8.80
N ARG D 41 5.73 30.71 10.05
CA ARG D 41 6.95 30.09 10.55
C ARG D 41 6.95 28.60 10.23
N ASN D 42 5.77 28.01 10.25
CA ASN D 42 5.61 26.58 9.99
C ASN D 42 5.63 26.26 8.49
N LEU D 43 4.92 27.06 7.71
CA LEU D 43 4.90 26.88 6.25
C LEU D 43 6.30 27.02 5.66
N LEU D 44 7.09 27.91 6.26
CA LEU D 44 8.47 28.13 5.82
C LEU D 44 9.30 26.88 6.07
N SER D 45 9.32 26.42 7.32
CA SER D 45 10.05 25.23 7.71
C SER D 45 9.64 24.03 6.86
N VAL D 46 8.35 23.94 6.56
CA VAL D 46 7.82 22.83 5.78
C VAL D 46 8.16 22.97 4.29
N ALA D 47 7.95 24.16 3.75
CA ALA D 47 8.19 24.41 2.33
C ALA D 47 9.58 23.99 1.91
N TYR D 48 10.59 24.54 2.57
CA TYR D 48 11.97 24.25 2.20
C TYR D 48 12.42 22.83 2.51
N LYS D 49 12.00 22.30 3.65
CA LYS D 49 12.35 20.93 4.01
C LYS D 49 11.94 19.96 2.91
N ASN D 50 10.75 20.18 2.35
CA ASN D 50 10.28 19.40 1.21
C ASN D 50 11.11 19.67 -0.05
N VAL D 51 11.56 20.91 -0.21
CA VAL D 51 12.43 21.26 -1.33
C VAL D 51 13.76 20.52 -1.24
N VAL D 52 14.53 20.80 -0.19
CA VAL D 52 15.80 20.12 0.04
C VAL D 52 15.59 18.61 0.08
N GLY D 53 14.43 18.18 0.56
CA GLY D 53 14.10 16.77 0.62
C GLY D 53 14.07 16.14 -0.76
N ALA D 54 13.30 16.74 -1.67
CA ALA D 54 13.21 16.26 -3.04
C ALA D 54 14.59 16.24 -3.69
N ARG D 55 15.41 17.24 -3.40
CA ARG D 55 16.78 17.29 -3.89
C ARG D 55 17.60 16.13 -3.35
N GLU D 56 17.67 16.01 -2.02
CA GLU D 56 18.37 14.91 -1.38
C GLU D 56 18.00 13.57 -2.02
N SER D 57 16.70 13.37 -2.21
CA SER D 57 16.20 12.16 -2.87
C SER D 57 16.89 11.96 -4.22
N SER D 58 16.59 12.85 -5.17
CA SER D 58 17.17 12.78 -6.51
C SER D 58 18.69 12.64 -6.45
N TRP D 59 19.31 13.38 -5.53
CA TRP D 59 20.77 13.31 -5.37
C TRP D 59 21.19 11.88 -5.04
N ARG D 60 20.90 11.45 -3.82
CA ARG D 60 21.25 10.10 -3.37
C ARG D 60 21.01 9.02 -4.43
N VAL D 61 19.93 9.18 -5.20
CA VAL D 61 19.63 8.26 -6.29
C VAL D 61 20.72 8.29 -7.35
N ILE D 62 20.85 9.43 -8.03
CA ILE D 62 21.88 9.60 -9.06
C ILE D 62 23.27 9.44 -8.47
N SER D 63 23.46 9.96 -7.25
CA SER D 63 24.72 9.82 -6.54
C SER D 63 25.08 8.35 -6.38
N SER D 64 24.06 7.49 -6.40
CA SER D 64 24.27 6.05 -6.31
C SER D 64 24.62 5.47 -7.67
N ILE D 65 23.89 5.89 -8.70
CA ILE D 65 24.18 5.47 -10.07
C ILE D 65 25.60 5.85 -10.45
N GLU D 66 26.12 6.89 -9.80
CA GLU D 66 27.47 7.37 -10.05
C GLU D 66 28.50 6.28 -9.77
N GLN D 67 28.32 5.56 -8.66
CA GLN D 67 29.22 4.49 -8.28
C GLN D 67 28.86 3.19 -8.99
N LYS D 68 27.57 3.00 -9.26
CA LYS D 68 27.09 1.81 -9.96
C LYS D 68 27.74 1.72 -11.34
N THR D 69 28.01 2.88 -11.95
CA THR D 69 28.60 2.94 -13.27
C THR D 69 30.12 3.05 -13.20
N SER D 70 30.61 3.72 -12.15
CA SER D 70 32.05 3.87 -11.95
C SER D 70 32.68 2.51 -11.69
N ALA D 71 31.86 1.57 -11.24
CA ALA D 71 32.33 0.22 -10.94
C ALA D 71 31.93 -0.76 -12.04
N ASP D 72 32.09 -0.34 -13.29
CA ASP D 72 31.77 -1.17 -14.44
C ASP D 72 32.78 -0.97 -15.56
N LYS D 77 30.34 7.19 -20.77
CA LYS D 77 29.04 7.08 -20.11
C LYS D 77 29.17 7.38 -18.61
N ILE D 78 30.36 7.81 -18.19
CA ILE D 78 30.62 8.11 -16.79
C ILE D 78 30.64 9.62 -16.54
N GLU D 79 31.02 10.38 -17.57
CA GLU D 79 31.06 11.84 -17.46
C GLU D 79 29.66 12.41 -17.26
N MET D 80 28.69 11.84 -17.95
CA MET D 80 27.29 12.24 -17.82
C MET D 80 26.85 12.25 -16.36
N VAL D 81 26.84 11.06 -15.75
CA VAL D 81 26.36 10.90 -14.39
C VAL D 81 27.00 11.90 -13.43
N ARG D 82 28.33 11.99 -13.47
CA ARG D 82 29.05 12.92 -12.61
C ARG D 82 28.53 14.34 -12.77
N ALA D 83 28.26 14.74 -14.01
CA ALA D 83 27.78 16.09 -14.29
C ALA D 83 26.42 16.34 -13.62
N TYR D 84 25.51 15.40 -13.81
CA TYR D 84 24.16 15.54 -13.28
C TYR D 84 24.16 15.54 -11.76
N ARG D 85 24.92 14.63 -11.16
CA ARG D 85 25.02 14.53 -9.71
C ARG D 85 25.46 15.85 -9.10
N GLU D 86 26.41 16.52 -9.77
CA GLU D 86 26.90 17.82 -9.32
C GLU D 86 25.86 18.91 -9.60
N LYS D 87 25.12 18.75 -10.70
CA LYS D 87 24.04 19.66 -11.03
C LYS D 87 22.98 19.67 -9.92
N ILE D 88 22.48 18.48 -9.60
CA ILE D 88 21.49 18.30 -8.54
C ILE D 88 22.06 18.70 -7.18
N GLU D 89 23.33 18.39 -6.98
CA GLU D 89 24.04 18.77 -5.75
C GLU D 89 24.18 20.28 -5.68
N LYS D 90 24.23 20.92 -6.85
CA LYS D 90 24.30 22.37 -6.93
C LYS D 90 23.00 23.00 -6.43
N GLU D 91 21.88 22.49 -6.93
CA GLU D 91 20.56 23.00 -6.55
C GLU D 91 20.31 22.82 -5.06
N LEU D 92 20.57 21.62 -4.55
CA LEU D 92 20.36 21.32 -3.15
C LEU D 92 21.08 22.33 -2.25
N GLU D 93 22.36 22.54 -2.54
CA GLU D 93 23.17 23.47 -1.76
C GLU D 93 22.61 24.89 -1.80
N ALA D 94 22.08 25.28 -2.96
CA ALA D 94 21.47 26.58 -3.12
C ALA D 94 20.32 26.77 -2.15
N VAL D 95 19.35 25.86 -2.18
CA VAL D 95 18.19 25.91 -1.29
C VAL D 95 18.60 26.10 0.16
N CYS D 96 19.54 25.26 0.62
CA CYS D 96 19.99 25.29 2.01
C CYS D 96 20.55 26.65 2.40
N GLN D 97 21.59 27.09 1.69
CA GLN D 97 22.19 28.40 1.93
C GLN D 97 21.19 29.52 1.70
N ASP D 98 20.17 29.25 0.90
CA ASP D 98 19.10 30.19 0.66
C ASP D 98 18.29 30.40 1.94
N VAL D 99 17.93 29.28 2.58
CA VAL D 99 17.22 29.32 3.85
C VAL D 99 18.09 29.95 4.93
N LEU D 100 19.37 29.57 4.94
CA LEU D 100 20.32 30.10 5.90
C LEU D 100 20.40 31.61 5.81
N SER D 101 20.26 32.13 4.60
CA SER D 101 20.21 33.57 4.38
C SER D 101 19.05 34.17 5.19
N LEU D 102 17.84 33.70 4.90
CA LEU D 102 16.64 34.16 5.58
C LEU D 102 16.80 34.11 7.10
N LEU D 103 17.33 33.01 7.59
CA LEU D 103 17.51 32.81 9.02
C LEU D 103 18.47 33.84 9.61
N ASP D 104 19.59 34.06 8.93
CA ASP D 104 20.62 34.98 9.42
C ASP D 104 20.27 36.45 9.19
N ASN D 105 19.59 36.74 8.09
CA ASN D 105 19.29 38.13 7.72
C ASN D 105 18.00 38.66 8.32
N TYR D 106 17.00 37.79 8.47
CA TYR D 106 15.71 38.21 8.96
C TYR D 106 15.30 37.49 10.25
N LEU D 107 15.10 36.18 10.13
CA LEU D 107 14.48 35.40 11.20
C LEU D 107 15.23 35.46 12.53
N ILE D 108 16.52 35.16 12.50
CA ILE D 108 17.31 35.13 13.73
C ILE D 108 17.73 36.54 14.17
N LYS D 109 18.07 37.37 13.19
CA LYS D 109 18.50 38.74 13.48
C LYS D 109 17.44 39.52 14.26
N ASN D 110 16.26 39.62 13.67
CA ASN D 110 15.17 40.39 14.28
C ASN D 110 14.48 39.65 15.42
N CYS D 111 15.25 39.28 16.43
CA CYS D 111 14.72 38.59 17.60
C CYS D 111 15.27 39.18 18.90
N SER D 112 14.41 39.28 19.90
CA SER D 112 14.79 39.87 21.18
C SER D 112 15.20 38.81 22.19
N GLU D 113 15.67 39.26 23.35
CA GLU D 113 16.15 38.36 24.41
C GLU D 113 14.99 37.64 25.09
N THR D 114 13.78 37.81 24.55
CA THR D 114 12.58 37.22 25.16
C THR D 114 11.83 36.33 24.18
N GLN D 115 12.19 36.42 22.90
CA GLN D 115 11.57 35.58 21.89
C GLN D 115 12.25 34.22 21.84
N TYR D 116 12.27 33.54 22.99
CA TYR D 116 12.93 32.25 23.12
C TYR D 116 12.42 31.23 22.12
N GLU D 117 11.12 30.94 22.17
CA GLU D 117 10.51 29.95 21.28
C GLU D 117 10.91 30.21 19.83
N SER D 118 10.63 31.41 19.35
CA SER D 118 10.94 31.78 17.96
C SER D 118 12.41 31.52 17.67
N LYS D 119 13.27 31.96 18.58
CA LYS D 119 14.71 31.87 18.39
C LYS D 119 15.19 30.42 18.31
N VAL D 120 14.78 29.61 19.29
CA VAL D 120 15.17 28.21 19.33
C VAL D 120 14.77 27.49 18.05
N PHE D 121 13.60 27.85 17.53
CA PHE D 121 13.10 27.24 16.31
C PHE D 121 14.02 27.50 15.12
N TYR D 122 14.30 28.78 14.87
CA TYR D 122 15.18 29.18 13.78
C TYR D 122 16.57 28.57 13.96
N LEU D 123 17.11 28.66 15.18
CA LEU D 123 18.40 28.08 15.50
C LEU D 123 18.40 26.59 15.19
N LYS D 124 17.23 25.98 15.30
CA LYS D 124 17.06 24.58 14.96
C LYS D 124 17.11 24.39 13.44
N MET D 125 16.39 25.25 12.72
CA MET D 125 16.43 25.25 11.26
C MET D 125 17.84 25.45 10.75
N LYS D 126 18.53 26.42 11.33
CA LYS D 126 19.92 26.73 10.96
C LYS D 126 20.76 25.48 11.11
N GLY D 127 20.75 24.91 12.32
CA GLY D 127 21.44 23.66 12.57
C GLY D 127 20.97 22.56 11.63
N ASP D 128 19.68 22.55 11.35
CA ASP D 128 19.11 21.57 10.44
C ASP D 128 19.73 21.67 9.05
N TYR D 129 19.61 22.84 8.43
CA TYR D 129 20.04 23.02 7.05
C TYR D 129 21.54 22.97 6.84
N TYR D 130 22.30 23.31 7.87
CA TYR D 130 23.73 23.09 7.85
C TYR D 130 23.99 21.59 7.88
N ARG D 131 23.17 20.87 8.62
CA ARG D 131 23.26 19.41 8.67
C ARG D 131 22.94 18.79 7.30
N TYR D 132 21.93 19.33 6.65
CA TYR D 132 21.56 18.88 5.30
C TYR D 132 22.69 19.12 4.30
N LEU D 133 23.38 20.24 4.47
CA LEU D 133 24.55 20.55 3.65
C LEU D 133 25.64 19.50 3.87
N ALA D 134 25.87 19.15 5.12
CA ALA D 134 26.92 18.19 5.48
C ALA D 134 26.74 16.85 4.78
N GLU D 135 25.48 16.44 4.59
CA GLU D 135 25.17 15.14 4.02
C GLU D 135 25.67 14.99 2.59
N VAL D 136 26.18 16.07 2.01
CA VAL D 136 26.68 16.04 0.64
C VAL D 136 28.05 16.69 0.49
N ALA D 137 28.58 17.21 1.60
CA ALA D 137 29.87 17.89 1.58
C ALA D 137 31.01 16.99 2.01
N THR D 138 32.24 17.47 1.85
CA THR D 138 33.43 16.71 2.23
C THR D 138 34.63 17.63 2.41
N GLY D 139 35.63 17.15 3.14
CA GLY D 139 36.87 17.88 3.34
C GLY D 139 36.70 19.25 3.96
N GLU D 140 37.38 20.23 3.40
CA GLU D 140 37.40 21.59 3.96
C GLU D 140 36.01 22.20 4.08
N LYS D 141 35.06 21.67 3.31
CA LYS D 141 33.69 22.20 3.32
C LYS D 141 32.84 21.55 4.41
N ARG D 142 32.69 20.22 4.32
CA ARG D 142 31.91 19.47 5.30
C ARG D 142 32.35 19.80 6.71
N ALA D 143 33.65 20.03 6.88
CA ALA D 143 34.20 20.37 8.18
C ALA D 143 33.59 21.66 8.74
N THR D 144 33.49 22.67 7.88
CA THR D 144 32.96 23.98 8.30
C THR D 144 31.47 23.93 8.59
N VAL D 145 30.69 23.48 7.61
CA VAL D 145 29.23 23.43 7.75
C VAL D 145 28.80 22.69 9.02
N VAL D 146 29.32 21.48 9.21
CA VAL D 146 29.03 20.71 10.42
C VAL D 146 29.35 21.51 11.67
N GLU D 147 30.39 22.35 11.57
CA GLU D 147 30.81 23.20 12.68
C GLU D 147 29.81 24.32 12.91
N SER D 148 29.16 24.76 11.84
CA SER D 148 28.16 25.82 11.92
C SER D 148 26.82 25.27 12.42
N SER D 149 26.58 23.98 12.17
CA SER D 149 25.39 23.30 12.65
C SER D 149 25.51 23.03 14.14
N GLU D 150 26.65 22.47 14.54
CA GLU D 150 26.93 22.19 15.94
C GLU D 150 26.69 23.42 16.82
N LYS D 151 27.18 24.57 16.35
CA LYS D 151 27.03 25.81 17.10
C LYS D 151 25.57 26.25 17.16
N ALA D 152 24.85 26.06 16.06
CA ALA D 152 23.44 26.36 16.02
C ALA D 152 22.66 25.55 17.05
N TYR D 153 22.71 24.23 16.89
CA TYR D 153 22.07 23.32 17.84
C TYR D 153 22.48 23.62 19.28
N SER D 154 23.77 23.86 19.48
CA SER D 154 24.29 24.13 20.82
C SER D 154 23.59 25.32 21.45
N GLU D 155 23.40 26.38 20.68
CA GLU D 155 22.74 27.58 21.17
C GLU D 155 21.25 27.30 21.39
N ALA D 156 20.65 26.56 20.47
CA ALA D 156 19.24 26.21 20.58
C ALA D 156 18.99 25.34 21.82
N HIS D 157 19.78 24.29 21.96
CA HIS D 157 19.66 23.38 23.10
C HIS D 157 19.87 24.14 24.40
N GLU D 158 20.64 25.23 24.33
CA GLU D 158 20.90 26.06 25.50
C GLU D 158 19.72 26.97 25.83
N ILE D 159 19.24 27.71 24.83
CA ILE D 159 18.10 28.60 25.02
C ILE D 159 16.90 27.84 25.57
N SER D 160 16.74 26.59 25.12
CA SER D 160 15.61 25.76 25.53
C SER D 160 15.81 25.15 26.91
N LYS D 161 16.99 24.58 27.14
CA LYS D 161 17.29 23.93 28.42
C LYS D 161 17.15 24.88 29.60
N GLU D 162 16.93 26.16 29.33
CA GLU D 162 16.88 27.17 30.39
C GLU D 162 15.57 27.96 30.42
N HIS D 163 14.86 27.99 29.29
CA HIS D 163 13.65 28.80 29.21
C HIS D 163 12.46 28.11 28.53
N MET D 164 12.61 26.84 28.17
CA MET D 164 11.53 26.11 27.53
C MET D 164 11.12 24.85 28.30
N GLN D 165 9.84 24.50 28.21
CA GLN D 165 9.34 23.28 28.83
C GLN D 165 9.94 22.06 28.15
N PRO D 166 10.34 21.06 28.93
CA PRO D 166 10.89 19.81 28.37
C PRO D 166 9.88 19.13 27.47
N THR D 167 8.61 19.51 27.57
CA THR D 167 7.56 18.93 26.75
C THR D 167 7.24 19.80 25.54
N HIS D 168 7.72 21.04 25.56
CA HIS D 168 7.52 21.96 24.44
C HIS D 168 7.92 21.26 23.14
N PRO D 169 7.00 21.23 22.17
CA PRO D 169 7.21 20.49 20.91
C PRO D 169 8.40 21.06 20.11
N ILE D 170 8.79 22.29 20.39
CA ILE D 170 9.95 22.88 19.74
C ILE D 170 11.25 22.37 20.37
N ARG D 171 11.27 22.36 21.70
CA ARG D 171 12.41 21.82 22.43
C ARG D 171 12.62 20.34 22.11
N LEU D 172 11.52 19.60 22.07
CA LEU D 172 11.56 18.19 21.71
C LEU D 172 11.98 17.99 20.25
N GLY D 173 11.39 18.79 19.37
CA GLY D 173 11.77 18.76 17.96
C GLY D 173 13.26 19.00 17.78
N LEU D 174 13.79 19.98 18.50
CA LEU D 174 15.22 20.24 18.52
C LEU D 174 15.96 19.00 19.02
N ALA D 175 15.72 18.66 20.28
CA ALA D 175 16.34 17.49 20.90
C ALA D 175 16.43 16.32 19.93
N LEU D 176 15.34 16.06 19.22
CA LEU D 176 15.29 14.99 18.23
C LEU D 176 16.35 15.19 17.15
N ASN D 177 16.24 16.30 16.42
CA ASN D 177 17.16 16.60 15.33
C ASN D 177 18.61 16.72 15.80
N TYR D 178 18.82 17.29 16.97
CA TYR D 178 20.15 17.46 17.53
C TYR D 178 20.82 16.11 17.78
N SER D 179 20.01 15.13 18.18
CA SER D 179 20.51 13.78 18.40
C SER D 179 20.81 13.08 17.08
N VAL D 180 19.95 13.29 16.09
CA VAL D 180 20.16 12.75 14.74
C VAL D 180 21.45 13.32 14.15
N PHE D 181 21.73 14.58 14.47
CA PHE D 181 22.98 15.21 14.08
C PHE D 181 24.17 14.52 14.71
N TYR D 182 23.95 13.92 15.89
CA TYR D 182 25.00 13.18 16.58
C TYR D 182 25.17 11.77 16.02
N TYR D 183 24.07 11.16 15.62
CA TYR D 183 24.10 9.77 15.16
C TYR D 183 24.48 9.65 13.69
N GLU D 184 23.97 10.54 12.85
CA GLU D 184 24.17 10.44 11.40
C GLU D 184 25.33 11.28 10.88
N ILE D 185 25.55 12.44 11.50
CA ILE D 185 26.61 13.34 11.03
C ILE D 185 27.90 13.20 11.85
N GLN D 186 27.79 13.34 13.16
CA GLN D 186 28.95 13.20 14.04
C GLN D 186 29.32 11.74 14.20
N ASN D 187 28.41 10.86 13.80
CA ASN D 187 28.61 9.42 13.95
C ASN D 187 29.04 9.06 15.36
N ALA D 188 28.47 9.76 16.35
CA ALA D 188 28.74 9.49 17.76
C ALA D 188 27.44 9.16 18.48
N PRO D 189 26.99 7.90 18.36
CA PRO D 189 25.70 7.42 18.88
C PRO D 189 25.55 7.52 20.40
N GLU D 190 26.65 7.75 21.13
CA GLU D 190 26.56 7.83 22.58
C GLU D 190 25.79 9.08 22.98
N GLN D 191 26.34 10.25 22.66
CA GLN D 191 25.68 11.52 22.93
C GLN D 191 24.27 11.52 22.35
N ALA D 192 24.14 10.98 21.14
CA ALA D 192 22.85 10.91 20.47
C ALA D 192 21.81 10.25 21.37
N CYS D 193 22.00 8.97 21.67
CA CYS D 193 21.08 8.24 22.53
C CYS D 193 20.86 8.94 23.87
N HIS D 194 21.93 9.53 24.40
CA HIS D 194 21.85 10.21 25.69
C HIS D 194 20.92 11.41 25.64
N LEU D 195 21.15 12.30 24.68
CA LEU D 195 20.30 13.48 24.51
C LEU D 195 18.87 13.05 24.18
N ALA D 196 18.73 12.09 23.29
CA ALA D 196 17.42 11.59 22.91
C ALA D 196 16.67 11.04 24.11
N LYS D 197 17.36 10.25 24.93
CA LYS D 197 16.75 9.67 26.13
C LYS D 197 16.53 10.74 27.19
N THR D 198 17.50 11.63 27.34
CA THR D 198 17.38 12.76 28.27
C THR D 198 16.15 13.59 27.94
N ALA D 199 16.05 14.02 26.67
CA ALA D 199 14.89 14.78 26.23
C ALA D 199 13.61 14.04 26.51
N PHE D 200 13.61 12.74 26.23
CA PHE D 200 12.42 11.91 26.43
C PHE D 200 12.07 11.81 27.91
N ASP D 201 13.07 11.47 28.72
CA ASP D 201 12.87 11.31 30.17
C ASP D 201 12.46 12.61 30.85
N ASP D 202 13.05 13.71 30.41
CA ASP D 202 12.71 15.03 30.95
C ASP D 202 11.27 15.39 30.62
N ALA D 203 10.82 15.00 29.43
CA ALA D 203 9.44 15.22 29.03
C ALA D 203 8.50 14.36 29.85
N ILE D 204 8.72 13.04 29.81
CA ILE D 204 7.94 12.10 30.61
C ILE D 204 7.86 12.54 32.07
N ALA D 205 8.99 12.95 32.64
CA ALA D 205 9.03 13.38 34.02
C ALA D 205 8.09 14.54 34.27
N GLU D 206 8.07 15.50 33.35
CA GLU D 206 7.18 16.65 33.43
C GLU D 206 6.01 16.49 32.48
N LEU D 207 5.45 15.28 32.44
CA LEU D 207 4.37 14.95 31.53
C LEU D 207 3.09 15.72 31.87
N ASP D 208 3.11 16.38 33.03
CA ASP D 208 1.96 17.14 33.50
C ASP D 208 1.99 18.58 33.01
N THR D 209 2.97 18.91 32.18
CA THR D 209 3.12 20.26 31.66
C THR D 209 2.56 20.38 30.23
N LEU D 210 1.98 19.31 29.74
CA LEU D 210 1.35 19.32 28.41
C LEU D 210 0.14 20.25 28.38
N ASN D 211 0.04 21.05 27.33
CA ASN D 211 -1.11 21.93 27.16
C ASN D 211 -2.01 21.51 26.00
N GLU D 212 -3.23 22.02 25.99
CA GLU D 212 -4.18 21.72 24.94
C GLU D 212 -3.58 21.92 23.54
N ASP D 213 -3.09 23.13 23.28
CA ASP D 213 -2.64 23.51 21.95
C ASP D 213 -1.71 22.50 21.30
N SER D 214 -0.58 22.21 21.96
CA SER D 214 0.43 21.36 21.35
C SER D 214 0.72 20.10 22.16
N TYR D 215 -0.27 19.23 22.27
CA TYR D 215 -0.08 17.94 22.93
C TYR D 215 0.11 16.85 21.88
N LYS D 216 -0.52 17.05 20.73
CA LYS D 216 -0.37 16.13 19.60
C LYS D 216 1.06 16.12 19.10
N ASP D 217 1.67 17.29 19.02
CA ASP D 217 3.05 17.41 18.55
C ASP D 217 4.01 16.77 19.54
N SER D 218 3.93 17.19 20.81
CA SER D 218 4.84 16.73 21.85
C SER D 218 4.89 15.20 21.93
N THR D 219 3.75 14.57 22.17
CA THR D 219 3.68 13.12 22.32
C THR D 219 4.20 12.41 21.07
N LEU D 220 4.04 13.07 19.92
CA LEU D 220 4.54 12.52 18.66
C LEU D 220 6.06 12.57 18.61
N ILE D 221 6.62 13.72 18.96
CA ILE D 221 8.07 13.88 19.01
C ILE D 221 8.68 12.95 20.06
N MET D 222 8.02 12.87 21.21
CA MET D 222 8.44 11.92 22.24
C MET D 222 8.49 10.51 21.68
N GLN D 223 7.45 10.14 20.94
CA GLN D 223 7.38 8.82 20.32
C GLN D 223 8.44 8.64 19.23
N LEU D 224 8.74 9.72 18.50
CA LEU D 224 9.80 9.72 17.52
C LEU D 224 11.16 9.51 18.20
N LEU D 225 11.32 10.14 19.35
CA LEU D 225 12.54 9.97 20.15
C LEU D 225 12.73 8.51 20.57
N ARG D 226 11.66 7.90 21.06
CA ARG D 226 11.72 6.51 21.50
C ARG D 226 11.98 5.58 20.32
N ASP D 227 11.39 5.90 19.18
CA ASP D 227 11.59 5.11 17.96
C ASP D 227 13.05 5.11 17.54
N ASN D 228 13.65 6.29 17.46
CA ASN D 228 15.08 6.40 17.15
C ASN D 228 15.94 5.64 18.15
N LEU D 229 15.66 5.81 19.43
CA LEU D 229 16.35 5.06 20.48
C LEU D 229 16.27 3.56 20.21
N THR D 230 15.06 3.08 19.96
CA THR D 230 14.85 1.66 19.66
C THR D 230 15.59 1.24 18.40
N LEU D 231 15.63 2.13 17.42
CA LEU D 231 16.30 1.84 16.15
C LEU D 231 17.81 1.89 16.30
N TRP D 232 18.30 2.84 17.08
CA TRP D 232 19.73 3.01 17.29
C TRP D 232 20.31 1.89 18.14
N THR D 233 19.72 1.67 19.31
CA THR D 233 20.19 0.65 20.24
C THR D 233 20.14 -0.75 19.61
N SER D 234 19.37 -0.88 18.54
CA SER D 234 19.26 -2.16 17.83
C SER D 234 20.17 -2.17 16.61
N ASP D 235 20.43 -0.99 16.05
CA ASP D 235 21.32 -0.84 14.91
C ASP D 235 22.77 -0.96 15.39
N GLN D 236 22.93 -1.21 16.68
CA GLN D 236 24.24 -1.38 17.29
C GLN D 236 24.38 -2.79 17.86
N GLN D 237 23.72 -3.75 17.21
CA GLN D 237 23.74 -5.12 17.68
C GLN D 237 24.28 -6.06 16.60
N THR E 6 12.71 -13.29 -0.93
CA THR E 6 12.81 -13.88 -2.24
C THR E 6 12.07 -15.23 -2.41
N PRO E 7 10.82 -15.19 -2.85
CA PRO E 7 10.26 -16.43 -3.33
C PRO E 7 10.26 -16.41 -4.85
N PRO E 8 10.56 -17.55 -5.47
CA PRO E 8 10.38 -17.59 -6.92
C PRO E 8 8.84 -17.48 -7.19
N VAL E 9 8.50 -16.62 -8.19
CA VAL E 9 7.11 -16.30 -8.52
C VAL E 9 6.44 -17.46 -9.08
N SER E 10 5.18 -17.47 -8.78
CA SER E 10 4.54 -18.69 -9.19
C SER E 10 3.05 -18.60 -9.69
N GLN E 11 2.56 -19.67 -10.37
CA GLN E 11 1.15 -19.70 -10.84
C GLN E 11 0.56 -21.03 -11.31
N ALA E 12 -0.54 -21.36 -10.70
CA ALA E 12 -1.25 -22.59 -10.98
C ALA E 12 -2.76 -22.36 -10.94
N SER E 13 -3.24 -21.64 -11.92
CA SER E 13 -4.67 -21.40 -11.96
C SER E 13 -5.16 -21.55 -13.41
N SER E 14 -5.68 -22.77 -13.52
CA SER E 14 -6.24 -23.36 -14.71
C SER E 14 -7.15 -22.39 -15.36
N THR E 15 -7.28 -22.68 -16.64
CA THR E 15 -8.10 -22.02 -17.62
C THR E 15 -9.56 -22.09 -17.22
N THR E 16 -10.20 -20.97 -16.85
CA THR E 16 -11.64 -21.05 -16.56
C THR E 16 -12.43 -20.75 -17.83
N THR F 6 -16.50 3.13 5.30
CA THR F 6 -16.40 4.12 6.33
C THR F 6 -16.83 3.55 7.61
N PRO F 7 -16.01 2.79 8.24
CA PRO F 7 -16.44 2.37 9.52
C PRO F 7 -15.83 3.44 10.39
N PRO F 8 -16.39 3.66 11.58
CA PRO F 8 -15.72 4.59 12.46
C PRO F 8 -14.73 3.76 13.19
N VAL F 9 -13.81 4.54 13.67
CA VAL F 9 -12.66 4.14 14.39
C VAL F 9 -13.04 3.69 15.80
N SER F 10 -12.36 2.69 16.24
CA SER F 10 -12.65 2.12 17.52
C SER F 10 -11.37 1.51 18.05
N GLN F 11 -11.41 0.96 19.22
CA GLN F 11 -10.17 0.49 19.80
C GLN F 11 -10.34 -0.47 20.90
N ALA F 12 -9.38 -1.32 21.13
CA ALA F 12 -9.54 -2.22 22.24
C ALA F 12 -8.30 -2.96 22.41
N SER F 13 -7.52 -2.36 23.18
CA SER F 13 -6.28 -2.91 23.52
C SER F 13 -6.12 -2.40 24.89
N SER F 14 -6.02 -3.27 25.86
CA SER F 14 -5.80 -2.70 27.13
C SER F 14 -4.35 -2.33 27.23
N THR F 15 -4.04 -1.57 28.26
CA THR F 15 -2.68 -1.22 28.51
C THR F 15 -2.02 -2.49 29.06
N THR F 16 -1.08 -2.95 28.26
CA THR F 16 -0.37 -4.18 28.52
C THR F 16 0.82 -3.91 29.45
C1 NAG G . 3.58 -20.76 -6.63
C2 NAG G . 2.82 -22.10 -6.58
C3 NAG G . 3.01 -22.83 -5.27
C4 NAG G . 4.49 -22.89 -4.84
C5 NAG G . 5.07 -21.49 -4.87
C6 NAG G . 6.53 -21.43 -4.45
C7 NAG G . 0.48 -22.68 -7.15
C8 NAG G . -0.93 -22.15 -7.29
N2 NAG G . 1.38 -21.79 -6.75
O3 NAG G . 2.53 -24.15 -5.44
O4 NAG G . 4.66 -23.36 -3.51
O5 NAG G . 4.96 -20.99 -6.20
O6 NAG G . 7.30 -22.46 -5.07
O7 NAG G . 0.79 -23.83 -7.37
C1 NAG H . -13.84 -1.09 16.48
C2 NAG H . -14.31 -1.91 17.70
C3 NAG H . -15.49 -2.81 17.38
C4 NAG H . -16.60 -2.08 16.62
C5 NAG H . -16.00 -1.40 15.41
C6 NAG H . -17.01 -0.65 14.57
C7 NAG H . -13.05 -3.27 19.34
C8 NAG H . -11.78 -4.06 19.57
N2 NAG H . -13.17 -2.74 18.13
O3 NAG H . -16.00 -3.28 18.62
O4 NAG H . -17.60 -2.96 16.12
O5 NAG H . -15.02 -0.47 15.87
O6 NAG H . -17.89 0.13 15.37
O7 NAG H . -13.91 -3.11 20.19
#